data_2CZV
#
_entry.id   2CZV
#
_cell.length_a   63.332
_cell.length_b   76.118
_cell.length_c   151.276
_cell.angle_alpha   90.00
_cell.angle_beta   90.00
_cell.angle_gamma   90.00
#
_symmetry.space_group_name_H-M   'P 21 21 21'
#
loop_
_entity.id
_entity.type
_entity.pdbx_description
1 polymer 'Ribonuclease P protein component 3'
2 polymer 'Ribonuclease P protein component 2'
3 non-polymer 'octyl beta-D-glucopyranoside'
4 non-polymer 'ACETIC ACID'
5 water water
#
loop_
_entity_poly.entity_id
_entity_poly.type
_entity_poly.pdbx_seq_one_letter_code
_entity_poly.pdbx_strand_id
1 'polypeptide(L)'
;MVGGGGVKFIEMDIRDKEAYELAKEWFDEVVVSIKFNEEVDKEKLREARKEYGKVAILLSNPKPSLVRDTVQKFKSYLIY
VESNDLRVIRYSIEKGVDAIISPWVNRKDPGIDHVLAKLMVKKNVALGFSLRPLLYSNPYERANLLRFMMKAWKLVEKYK
VRRFLTSSAQEKWDVRYPRDLISLGVVIGMEIPQAKASISMYPEIILKRLKY
;
A,B
2 'polypeptide(L)'
;MMRKLKTLPPTLRDKNRYIAFEIISDGDFTKDEVKELIWKSSLEVLGETGTAIVKPWLIKFDPNTKTGIVRSDREYVEYL
RFALMLVSEFNGKRLIIRTLGVSGTIKRLKRKFLAKYGWK
;
C,D
#
loop_
_chem_comp.id
_chem_comp.type
_chem_comp.name
_chem_comp.formula
ACY non-polymer 'ACETIC ACID' 'C2 H4 O2'
BOG D-saccharide 'octyl beta-D-glucopyranoside' 'C14 H28 O6'
#
# COMPACT_ATOMS: atom_id res chain seq x y z
N VAL A 2 25.30 5.04 20.00
CA VAL A 2 25.63 5.36 18.57
C VAL A 2 27.04 4.87 18.23
N GLY A 3 27.76 4.40 19.26
CA GLY A 3 29.11 3.92 19.04
C GLY A 3 29.64 3.02 20.15
N GLY A 4 28.89 1.98 20.49
CA GLY A 4 29.34 1.06 21.52
C GLY A 4 28.25 0.38 22.35
N GLY A 5 27.33 1.17 22.88
CA GLY A 5 26.25 0.62 23.70
C GLY A 5 25.44 -0.47 23.03
N GLY A 6 24.93 -0.18 21.84
CA GLY A 6 24.14 -1.16 21.12
C GLY A 6 24.98 -2.12 20.30
N VAL A 7 24.42 -2.57 19.18
CA VAL A 7 25.09 -3.51 18.28
C VAL A 7 25.97 -2.76 17.29
N LYS A 8 27.14 -3.32 16.99
CA LYS A 8 28.05 -2.70 16.03
C LYS A 8 27.45 -2.75 14.63
N PHE A 9 27.11 -1.58 14.09
CA PHE A 9 26.54 -1.48 12.76
C PHE A 9 27.62 -1.12 11.75
N ILE A 10 27.60 -1.79 10.61
CA ILE A 10 28.59 -1.54 9.58
C ILE A 10 27.94 -1.18 8.25
N GLU A 11 28.51 -0.18 7.58
CA GLU A 11 28.04 0.26 6.27
C GLU A 11 29.05 -0.27 5.26
N MET A 12 28.70 -1.35 4.58
CA MET A 12 29.60 -1.99 3.62
C MET A 12 29.76 -1.27 2.29
N ASP A 13 28.94 -0.25 2.01
CA ASP A 13 29.04 0.39 0.71
C ASP A 13 28.81 1.89 0.62
N ILE A 14 29.80 2.68 1.03
CA ILE A 14 29.73 4.13 0.94
C ILE A 14 30.68 4.50 -0.19
N ARG A 15 30.22 5.34 -1.10
CA ARG A 15 31.03 5.72 -2.26
C ARG A 15 31.31 7.21 -2.39
N ASP A 16 31.36 7.91 -1.27
CA ASP A 16 31.62 9.34 -1.30
C ASP A 16 32.28 9.82 -0.02
N LYS A 17 33.14 10.82 -0.14
CA LYS A 17 33.85 11.34 1.02
C LYS A 17 32.89 11.87 2.09
N GLU A 18 32.04 12.82 1.71
CA GLU A 18 31.09 13.38 2.67
C GLU A 18 30.13 12.32 3.19
N ALA A 19 29.71 11.41 2.31
CA ALA A 19 28.81 10.34 2.72
C ALA A 19 29.49 9.62 3.87
N TYR A 20 30.77 9.29 3.67
CA TYR A 20 31.57 8.60 4.67
C TYR A 20 31.56 9.31 6.01
N GLU A 21 31.84 10.61 5.97
CA GLU A 21 31.88 11.44 7.18
C GLU A 21 30.55 11.34 7.92
N LEU A 22 29.45 11.35 7.17
CA LEU A 22 28.13 11.25 7.78
C LEU A 22 27.91 9.83 8.29
N ALA A 23 28.22 8.85 7.45
CA ALA A 23 28.05 7.46 7.82
C ALA A 23 28.87 7.12 9.08
N LYS A 24 30.06 7.71 9.20
CA LYS A 24 30.91 7.45 10.36
C LYS A 24 30.31 7.94 11.66
N GLU A 25 29.28 8.77 11.56
CA GLU A 25 28.61 9.31 12.72
C GLU A 25 27.46 8.42 13.16
N TRP A 26 26.99 7.59 12.24
CA TRP A 26 25.87 6.70 12.55
C TRP A 26 26.23 5.22 12.59
N PHE A 27 27.28 4.83 11.88
CA PHE A 27 27.70 3.44 11.87
C PHE A 27 29.07 3.29 12.51
N ASP A 28 29.21 2.27 13.36
CA ASP A 28 30.47 2.02 14.04
C ASP A 28 31.63 1.83 13.08
N GLU A 29 31.36 1.17 11.96
CA GLU A 29 32.38 0.93 10.96
C GLU A 29 31.82 1.21 9.56
N VAL A 30 32.63 1.81 8.71
CA VAL A 30 32.22 2.13 7.34
C VAL A 30 33.23 1.64 6.30
N VAL A 31 32.73 1.00 5.25
CA VAL A 31 33.58 0.50 4.16
C VAL A 31 33.34 1.34 2.91
N VAL A 32 34.37 2.06 2.48
CA VAL A 32 34.25 2.90 1.30
C VAL A 32 34.66 2.14 0.03
N SER A 33 33.79 2.15 -0.96
CA SER A 33 34.02 1.46 -2.23
C SER A 33 34.64 2.38 -3.27
N ILE A 34 35.68 1.90 -3.95
CA ILE A 34 36.33 2.69 -5.00
C ILE A 34 35.93 2.08 -6.35
N LYS A 35 35.16 2.85 -7.11
CA LYS A 35 34.65 2.42 -8.41
C LYS A 35 35.65 2.42 -9.56
N PHE A 36 35.86 1.25 -10.15
CA PHE A 36 36.76 1.08 -11.27
C PHE A 36 36.03 0.37 -12.41
N ASN A 37 36.08 0.94 -13.60
CA ASN A 37 35.40 0.36 -14.76
C ASN A 37 36.32 0.16 -15.97
N GLU A 38 37.62 0.25 -15.73
CA GLU A 38 38.63 0.05 -16.78
C GLU A 38 39.78 -0.77 -16.19
N GLU A 39 40.51 -0.18 -15.25
CA GLU A 39 41.62 -0.84 -14.58
C GLU A 39 41.55 -0.50 -13.10
N VAL A 40 42.29 -1.24 -12.29
CA VAL A 40 42.31 -1.01 -10.86
C VAL A 40 43.50 -0.11 -10.49
N ASP A 41 43.27 1.20 -10.52
CA ASP A 41 44.31 2.17 -10.19
C ASP A 41 44.93 1.81 -8.84
N LYS A 42 46.02 1.05 -8.88
CA LYS A 42 46.72 0.60 -7.68
C LYS A 42 47.16 1.76 -6.79
N GLU A 43 47.12 2.97 -7.32
CA GLU A 43 47.52 4.15 -6.57
C GLU A 43 46.39 4.70 -5.70
N LYS A 44 45.39 5.30 -6.35
CA LYS A 44 44.26 5.86 -5.63
C LYS A 44 43.68 4.82 -4.69
N LEU A 45 43.68 3.57 -5.14
CA LEU A 45 43.16 2.46 -4.35
C LEU A 45 43.95 2.28 -3.07
N ARG A 46 45.25 2.48 -3.15
CA ARG A 46 46.14 2.32 -2.01
C ARG A 46 46.09 3.55 -1.09
N GLU A 47 45.95 4.73 -1.67
CA GLU A 47 45.88 5.96 -0.88
C GLU A 47 44.52 6.09 -0.22
N ALA A 48 43.47 5.74 -0.97
CA ALA A 48 42.11 5.81 -0.45
C ALA A 48 42.01 4.91 0.76
N ARG A 49 42.74 3.79 0.72
CA ARG A 49 42.75 2.84 1.80
C ARG A 49 43.36 3.41 3.08
N LYS A 50 44.19 4.43 2.92
CA LYS A 50 44.83 5.06 4.07
C LYS A 50 44.09 6.29 4.57
N GLU A 51 43.13 6.77 3.78
CA GLU A 51 42.35 7.94 4.17
C GLU A 51 41.05 7.56 4.85
N TYR A 52 40.52 6.39 4.49
CA TYR A 52 39.27 5.91 5.06
C TYR A 52 39.49 4.73 6.00
N GLY A 53 40.46 3.90 5.67
CA GLY A 53 40.74 2.73 6.47
C GLY A 53 40.25 1.50 5.73
N LYS A 54 39.03 1.07 6.03
CA LYS A 54 38.45 -0.08 5.36
C LYS A 54 37.96 0.36 3.98
N VAL A 55 38.54 -0.21 2.94
CA VAL A 55 38.17 0.13 1.56
C VAL A 55 37.93 -1.13 0.75
N ALA A 56 37.20 -1.00 -0.36
CA ALA A 56 36.91 -2.13 -1.22
C ALA A 56 36.88 -1.70 -2.68
N ILE A 57 37.28 -2.60 -3.57
CA ILE A 57 37.29 -2.30 -4.99
C ILE A 57 35.92 -2.61 -5.59
N LEU A 58 35.30 -1.60 -6.19
CA LEU A 58 33.99 -1.76 -6.81
C LEU A 58 34.09 -1.75 -8.33
N LEU A 59 33.79 -2.88 -8.95
CA LEU A 59 33.85 -3.00 -10.39
C LEU A 59 32.43 -2.92 -10.97
N SER A 60 32.19 -1.93 -11.82
CA SER A 60 30.88 -1.75 -12.44
C SER A 60 30.91 -2.18 -13.91
N ASN A 61 30.03 -3.12 -14.26
CA ASN A 61 29.97 -3.63 -15.62
C ASN A 61 31.38 -3.98 -16.10
N PRO A 62 32.11 -4.79 -15.31
CA PRO A 62 33.47 -5.22 -15.61
C PRO A 62 33.51 -6.26 -16.71
N LYS A 63 34.69 -6.42 -17.32
CA LYS A 63 34.88 -7.42 -18.36
C LYS A 63 35.35 -8.65 -17.59
N PRO A 64 34.91 -9.85 -18.00
CA PRO A 64 35.34 -11.05 -17.28
C PRO A 64 36.84 -11.05 -17.03
N SER A 65 37.59 -10.46 -17.96
CA SER A 65 39.05 -10.39 -17.86
C SER A 65 39.49 -9.48 -16.71
N LEU A 66 38.84 -8.34 -16.58
CA LEU A 66 39.16 -7.38 -15.53
C LEU A 66 38.92 -7.99 -14.16
N VAL A 67 37.91 -8.85 -14.05
CA VAL A 67 37.58 -9.49 -12.79
C VAL A 67 38.68 -10.47 -12.38
N ARG A 68 39.08 -11.32 -13.31
CA ARG A 68 40.13 -12.31 -13.06
C ARG A 68 41.40 -11.64 -12.55
N ASP A 69 41.80 -10.58 -13.23
CA ASP A 69 43.00 -9.83 -12.87
C ASP A 69 42.94 -9.27 -11.45
N THR A 70 41.77 -8.76 -11.08
CA THR A 70 41.59 -8.16 -9.75
C THR A 70 41.55 -9.16 -8.61
N VAL A 71 40.82 -10.26 -8.80
CA VAL A 71 40.70 -11.28 -7.76
C VAL A 71 42.05 -11.86 -7.35
N GLN A 72 43.06 -11.66 -8.19
CA GLN A 72 44.40 -12.16 -7.91
C GLN A 72 45.29 -11.07 -7.32
N LYS A 73 45.62 -10.09 -8.16
CA LYS A 73 46.49 -9.00 -7.76
C LYS A 73 46.08 -8.27 -6.48
N PHE A 74 44.82 -8.38 -6.08
CA PHE A 74 44.36 -7.71 -4.86
C PHE A 74 43.62 -8.65 -3.92
N LYS A 75 44.26 -9.75 -3.55
CA LYS A 75 43.63 -10.70 -2.64
C LYS A 75 43.50 -10.16 -1.22
N SER A 76 43.99 -8.94 -1.01
CA SER A 76 43.93 -8.32 0.32
C SER A 76 42.80 -7.29 0.40
N TYR A 77 42.19 -6.99 -0.73
CA TYR A 77 41.09 -6.02 -0.80
C TYR A 77 39.75 -6.72 -1.00
N LEU A 78 38.68 -6.05 -0.57
CA LEU A 78 37.34 -6.59 -0.75
C LEU A 78 36.96 -6.20 -2.17
N ILE A 79 36.45 -7.16 -2.94
CA ILE A 79 36.07 -6.88 -4.31
C ILE A 79 34.55 -6.97 -4.49
N TYR A 80 33.95 -5.87 -4.93
CA TYR A 80 32.51 -5.81 -5.16
C TYR A 80 32.26 -5.76 -6.66
N VAL A 81 31.14 -6.34 -7.08
CA VAL A 81 30.80 -6.36 -8.50
C VAL A 81 29.41 -5.80 -8.77
N GLU A 82 29.34 -4.87 -9.72
CA GLU A 82 28.08 -4.24 -10.12
C GLU A 82 27.80 -4.55 -11.57
N SER A 83 26.93 -5.51 -11.83
CA SER A 83 26.61 -5.87 -13.20
C SER A 83 25.16 -6.32 -13.37
N ASN A 84 24.59 -5.98 -14.53
CA ASN A 84 23.24 -6.37 -14.86
C ASN A 84 23.36 -7.41 -15.95
N ASP A 85 24.55 -7.99 -16.04
CA ASP A 85 24.88 -9.02 -17.01
C ASP A 85 25.06 -10.35 -16.27
N LEU A 86 24.13 -11.28 -16.49
CA LEU A 86 24.18 -12.57 -15.83
C LEU A 86 25.49 -13.32 -16.11
N ARG A 87 26.03 -13.10 -17.30
CA ARG A 87 27.28 -13.74 -17.69
C ARG A 87 28.41 -13.20 -16.83
N VAL A 88 28.43 -11.88 -16.66
CA VAL A 88 29.45 -11.24 -15.83
C VAL A 88 29.17 -11.55 -14.37
N ILE A 89 27.90 -11.66 -14.02
CA ILE A 89 27.49 -11.98 -12.65
C ILE A 89 27.92 -13.39 -12.33
N ARG A 90 27.68 -14.30 -13.27
CA ARG A 90 28.05 -15.70 -13.11
C ARG A 90 29.54 -15.83 -12.84
N TYR A 91 30.34 -15.33 -13.78
CA TYR A 91 31.79 -15.38 -13.67
C TYR A 91 32.29 -14.79 -12.36
N SER A 92 31.82 -13.59 -12.01
CA SER A 92 32.23 -12.94 -10.78
C SER A 92 32.02 -13.85 -9.58
N ILE A 93 30.92 -14.59 -9.58
CA ILE A 93 30.62 -15.50 -8.47
C ILE A 93 31.61 -16.64 -8.44
N GLU A 94 31.92 -17.18 -9.62
CA GLU A 94 32.85 -18.30 -9.74
C GLU A 94 34.26 -17.92 -9.32
N LYS A 95 34.64 -16.66 -9.58
CA LYS A 95 35.98 -16.17 -9.23
C LYS A 95 36.19 -15.84 -7.76
N GLY A 96 35.16 -16.08 -6.95
CA GLY A 96 35.26 -15.81 -5.52
C GLY A 96 35.26 -14.37 -5.04
N VAL A 97 34.66 -13.45 -5.81
CA VAL A 97 34.61 -12.05 -5.38
C VAL A 97 33.86 -11.98 -4.05
N ASP A 98 34.01 -10.89 -3.33
CA ASP A 98 33.35 -10.74 -2.04
C ASP A 98 31.84 -10.48 -2.06
N ALA A 99 31.36 -9.81 -3.09
CA ALA A 99 29.92 -9.54 -3.15
C ALA A 99 29.44 -9.01 -4.49
N ILE A 100 28.16 -9.28 -4.73
CA ILE A 100 27.47 -8.83 -5.93
C ILE A 100 26.50 -7.76 -5.40
N ILE A 101 26.57 -6.56 -5.95
CA ILE A 101 25.71 -5.48 -5.48
C ILE A 101 24.51 -5.19 -6.37
N SER A 102 23.32 -5.40 -5.80
CA SER A 102 22.06 -5.15 -6.49
C SER A 102 22.08 -5.53 -7.96
N PRO A 103 22.20 -6.84 -8.26
CA PRO A 103 22.22 -7.28 -9.66
C PRO A 103 20.94 -6.94 -10.43
N TRP A 104 19.86 -6.67 -9.70
CA TRP A 104 18.58 -6.33 -10.32
C TRP A 104 18.53 -4.96 -10.98
N VAL A 105 19.47 -4.09 -10.65
CA VAL A 105 19.47 -2.75 -11.26
C VAL A 105 19.69 -2.88 -12.76
N ASN A 106 18.83 -2.24 -13.55
CA ASN A 106 18.91 -2.28 -15.00
C ASN A 106 18.66 -3.68 -15.56
N ARG A 107 17.73 -4.39 -14.94
CA ARG A 107 17.32 -5.73 -15.34
C ARG A 107 15.82 -5.80 -15.16
N LYS A 108 15.21 -6.91 -15.56
CA LYS A 108 13.78 -7.08 -15.41
C LYS A 108 13.50 -8.33 -14.60
N ASP A 109 14.46 -8.68 -13.74
CA ASP A 109 14.35 -9.83 -12.86
C ASP A 109 15.28 -9.59 -11.68
N PRO A 110 15.19 -10.42 -10.63
CA PRO A 110 16.04 -10.26 -9.45
C PRO A 110 17.53 -10.28 -9.76
N GLY A 111 17.87 -10.64 -10.99
CA GLY A 111 19.27 -10.70 -11.39
C GLY A 111 19.95 -11.85 -10.67
N ILE A 112 19.14 -12.79 -10.18
CA ILE A 112 19.65 -13.94 -9.45
C ILE A 112 18.57 -15.00 -9.25
N ASP A 113 18.89 -16.24 -9.60
CA ASP A 113 17.93 -17.34 -9.44
C ASP A 113 18.44 -18.28 -8.36
N HIS A 114 17.78 -19.43 -8.22
CA HIS A 114 18.16 -20.39 -7.19
C HIS A 114 19.50 -21.09 -7.44
N VAL A 115 19.92 -21.21 -8.69
CA VAL A 115 21.19 -21.86 -8.97
C VAL A 115 22.36 -20.94 -8.63
N LEU A 116 22.24 -19.66 -8.98
CA LEU A 116 23.29 -18.69 -8.68
C LEU A 116 23.32 -18.47 -7.17
N ALA A 117 22.15 -18.59 -6.54
CA ALA A 117 22.02 -18.41 -5.11
C ALA A 117 22.85 -19.46 -4.38
N LYS A 118 22.87 -20.69 -4.91
CA LYS A 118 23.64 -21.75 -4.27
C LYS A 118 25.11 -21.61 -4.66
N LEU A 119 25.36 -21.16 -5.88
CA LEU A 119 26.73 -20.95 -6.35
C LEU A 119 27.42 -19.89 -5.49
N MET A 120 26.66 -18.86 -5.12
CA MET A 120 27.18 -17.80 -4.27
C MET A 120 27.59 -18.39 -2.93
N VAL A 121 26.71 -19.21 -2.37
CA VAL A 121 26.96 -19.86 -1.09
C VAL A 121 28.19 -20.76 -1.16
N LYS A 122 28.41 -21.36 -2.32
CA LYS A 122 29.54 -22.26 -2.52
C LYS A 122 30.86 -21.52 -2.69
N LYS A 123 30.80 -20.31 -3.26
CA LYS A 123 31.99 -19.51 -3.46
C LYS A 123 32.11 -18.46 -2.36
N ASN A 124 31.19 -18.51 -1.40
CA ASN A 124 31.17 -17.56 -0.29
C ASN A 124 30.87 -16.11 -0.68
N VAL A 125 30.31 -15.91 -1.87
CA VAL A 125 29.98 -14.57 -2.37
C VAL A 125 28.70 -14.05 -1.72
N ALA A 126 28.71 -12.79 -1.29
CA ALA A 126 27.55 -12.19 -0.64
C ALA A 126 26.68 -11.35 -1.59
N LEU A 127 25.46 -11.06 -1.15
CA LEU A 127 24.53 -10.25 -1.96
C LEU A 127 24.21 -8.93 -1.27
N GLY A 128 24.49 -7.83 -1.95
CA GLY A 128 24.22 -6.52 -1.38
C GLY A 128 22.91 -5.92 -1.85
N PHE A 129 22.11 -5.43 -0.91
CA PHE A 129 20.82 -4.79 -1.21
C PHE A 129 20.97 -3.28 -1.02
N SER A 130 21.02 -2.54 -2.12
CA SER A 130 21.19 -1.09 -2.06
C SER A 130 19.90 -0.28 -1.96
N LEU A 131 19.93 0.76 -1.13
CA LEU A 131 18.78 1.63 -0.97
C LEU A 131 18.74 2.66 -2.10
N ARG A 132 19.92 3.13 -2.51
CA ARG A 132 19.99 4.19 -3.53
C ARG A 132 19.12 4.06 -4.77
N PRO A 133 19.15 2.91 -5.46
CA PRO A 133 18.32 2.77 -6.66
C PRO A 133 16.87 3.14 -6.36
N LEU A 134 16.39 2.76 -5.18
CA LEU A 134 15.01 3.05 -4.77
C LEU A 134 14.76 4.54 -4.58
N LEU A 135 15.71 5.24 -3.98
CA LEU A 135 15.54 6.66 -3.75
C LEU A 135 15.20 7.48 -4.97
N TYR A 136 16.03 7.38 -6.01
CA TYR A 136 15.86 8.17 -7.22
C TYR A 136 14.90 7.64 -8.30
N SER A 137 14.28 6.49 -8.04
CA SER A 137 13.37 5.89 -9.02
C SER A 137 11.97 6.48 -9.00
N ASN A 138 11.31 6.49 -10.16
CA ASN A 138 9.94 6.97 -10.22
C ASN A 138 9.06 5.85 -9.66
N PRO A 139 7.76 6.10 -9.44
CA PRO A 139 6.83 5.09 -8.89
C PRO A 139 6.88 3.72 -9.54
N TYR A 140 6.80 3.68 -10.86
CA TYR A 140 6.83 2.43 -11.61
C TYR A 140 8.14 1.69 -11.36
N GLU A 141 9.25 2.42 -11.44
CA GLU A 141 10.58 1.83 -11.22
C GLU A 141 10.73 1.30 -9.79
N ARG A 142 10.28 2.06 -8.80
CA ARG A 142 10.37 1.65 -7.40
C ARG A 142 9.56 0.38 -7.13
N ALA A 143 8.39 0.26 -7.74
CA ALA A 143 7.56 -0.93 -7.54
C ALA A 143 8.31 -2.16 -8.08
N ASN A 144 8.89 -2.03 -9.27
CA ASN A 144 9.63 -3.13 -9.87
C ASN A 144 10.84 -3.52 -9.04
N LEU A 145 11.57 -2.51 -8.56
CA LEU A 145 12.75 -2.77 -7.75
C LEU A 145 12.38 -3.51 -6.47
N LEU A 146 11.30 -3.06 -5.81
CA LEU A 146 10.86 -3.71 -4.59
C LEU A 146 10.46 -5.17 -4.83
N ARG A 147 9.82 -5.43 -5.97
CA ARG A 147 9.40 -6.80 -6.27
C ARG A 147 10.61 -7.70 -6.47
N PHE A 148 11.59 -7.21 -7.23
CA PHE A 148 12.82 -7.95 -7.47
C PHE A 148 13.59 -8.20 -6.18
N MET A 149 13.69 -7.17 -5.35
CA MET A 149 14.40 -7.29 -4.08
C MET A 149 13.69 -8.28 -3.14
N MET A 150 12.35 -8.27 -3.16
CA MET A 150 11.58 -9.19 -2.33
C MET A 150 11.90 -10.64 -2.69
N LYS A 151 12.00 -10.90 -3.99
CA LYS A 151 12.31 -12.23 -4.49
C LYS A 151 13.76 -12.56 -4.11
N ALA A 152 14.66 -11.62 -4.38
CA ALA A 152 16.07 -11.80 -4.04
C ALA A 152 16.22 -12.21 -2.59
N TRP A 153 15.46 -11.56 -1.71
CA TRP A 153 15.51 -11.87 -0.29
C TRP A 153 15.07 -13.30 0.00
N LYS A 154 14.03 -13.76 -0.69
CA LYS A 154 13.53 -15.11 -0.49
C LYS A 154 14.61 -16.13 -0.82
N LEU A 155 15.26 -15.95 -1.98
CA LEU A 155 16.33 -16.85 -2.42
C LEU A 155 17.50 -16.84 -1.43
N VAL A 156 17.88 -15.65 -1.00
CA VAL A 156 18.98 -15.45 -0.06
C VAL A 156 18.69 -16.06 1.31
N GLU A 157 17.49 -15.85 1.82
CA GLU A 157 17.11 -16.38 3.12
C GLU A 157 17.02 -17.91 3.12
N LYS A 158 16.50 -18.47 2.03
CA LYS A 158 16.36 -19.91 1.91
C LYS A 158 17.70 -20.62 1.83
N TYR A 159 18.50 -20.22 0.86
CA TYR A 159 19.82 -20.82 0.64
C TYR A 159 20.89 -20.23 1.55
N LYS A 160 20.45 -19.53 2.60
CA LYS A 160 21.35 -18.92 3.56
C LYS A 160 22.54 -18.19 2.94
N VAL A 161 22.27 -17.39 1.90
CA VAL A 161 23.33 -16.62 1.25
C VAL A 161 23.64 -15.42 2.13
N ARG A 162 24.91 -15.13 2.32
CA ARG A 162 25.29 -13.98 3.13
C ARG A 162 24.77 -12.73 2.43
N ARG A 163 24.15 -11.84 3.20
CA ARG A 163 23.58 -10.62 2.64
C ARG A 163 23.73 -9.43 3.57
N PHE A 164 23.57 -8.23 3.02
CA PHE A 164 23.66 -7.01 3.81
C PHE A 164 22.93 -5.87 3.12
N LEU A 165 22.37 -4.96 3.92
CA LEU A 165 21.67 -3.79 3.40
C LEU A 165 22.69 -2.66 3.41
N THR A 166 22.63 -1.79 2.40
CA THR A 166 23.54 -0.65 2.35
C THR A 166 22.89 0.51 1.61
N SER A 167 23.39 1.71 1.86
CA SER A 167 22.86 2.89 1.21
C SER A 167 23.53 3.07 -0.16
N SER A 168 24.71 2.47 -0.31
CA SER A 168 25.47 2.62 -1.54
C SER A 168 25.48 4.11 -1.87
N ALA A 169 25.59 4.92 -0.82
CA ALA A 169 25.59 6.36 -0.91
C ALA A 169 26.68 6.91 -1.83
N GLN A 170 26.30 7.87 -2.67
CA GLN A 170 27.22 8.50 -3.61
C GLN A 170 27.25 9.97 -3.25
N GLU A 171 26.48 10.32 -2.22
CA GLU A 171 26.36 11.68 -1.76
C GLU A 171 25.89 11.66 -0.32
N LYS A 172 26.23 12.71 0.42
CA LYS A 172 25.85 12.84 1.81
C LYS A 172 24.37 12.53 2.02
N TRP A 173 23.54 13.08 1.14
CA TRP A 173 22.10 12.92 1.23
C TRP A 173 21.56 11.49 1.02
N ASP A 174 22.41 10.58 0.57
CA ASP A 174 21.97 9.20 0.33
C ASP A 174 22.08 8.32 1.57
N VAL A 175 22.83 8.77 2.56
CA VAL A 175 23.02 8.00 3.79
C VAL A 175 21.78 7.97 4.68
N ARG A 176 21.58 6.84 5.36
CA ARG A 176 20.45 6.70 6.28
C ARG A 176 20.90 6.08 7.61
N TYR A 177 20.23 6.46 8.68
CA TYR A 177 20.52 5.96 10.03
C TYR A 177 20.27 4.46 10.05
N PRO A 178 21.04 3.70 10.86
CA PRO A 178 20.89 2.25 10.97
C PRO A 178 19.47 1.70 11.13
N ARG A 179 18.77 2.19 12.14
CA ARG A 179 17.42 1.71 12.40
C ARG A 179 16.43 2.01 11.27
N ASP A 180 16.70 3.05 10.49
CA ASP A 180 15.83 3.41 9.37
C ASP A 180 16.16 2.50 8.18
N LEU A 181 17.44 2.32 7.92
CA LEU A 181 17.91 1.47 6.82
C LEU A 181 17.34 0.07 7.01
N ILE A 182 17.15 -0.30 8.27
CA ILE A 182 16.60 -1.61 8.62
C ILE A 182 15.18 -1.80 8.08
N SER A 183 14.39 -0.73 8.01
CA SER A 183 13.02 -0.83 7.52
C SER A 183 12.97 -1.31 6.07
N LEU A 184 14.03 -1.04 5.32
CA LEU A 184 14.09 -1.50 3.93
C LEU A 184 14.08 -3.02 3.93
N GLY A 185 14.87 -3.62 4.82
CA GLY A 185 14.90 -5.07 4.91
C GLY A 185 13.56 -5.62 5.37
N VAL A 186 12.94 -4.98 6.35
CA VAL A 186 11.64 -5.45 6.82
C VAL A 186 10.65 -5.41 5.66
N VAL A 187 10.52 -4.24 5.04
CA VAL A 187 9.56 -4.11 3.94
C VAL A 187 9.74 -5.11 2.81
N ILE A 188 10.96 -5.56 2.54
CA ILE A 188 11.12 -6.54 1.47
C ILE A 188 10.96 -7.98 1.95
N GLY A 189 10.69 -8.17 3.24
CA GLY A 189 10.49 -9.52 3.76
C GLY A 189 11.21 -9.93 5.04
N MET A 190 12.27 -9.23 5.40
CA MET A 190 13.03 -9.57 6.60
C MET A 190 12.32 -9.27 7.91
N GLU A 191 12.58 -10.11 8.91
CA GLU A 191 12.03 -9.87 10.24
C GLU A 191 13.02 -8.86 10.79
N ILE A 192 12.58 -8.02 11.72
CA ILE A 192 13.47 -7.01 12.28
C ILE A 192 14.83 -7.59 12.69
N PRO A 193 14.84 -8.73 13.41
CA PRO A 193 16.11 -9.34 13.83
C PRO A 193 17.04 -9.68 12.67
N GLN A 194 16.46 -10.09 11.54
CA GLN A 194 17.25 -10.44 10.36
C GLN A 194 17.77 -9.17 9.65
N ALA A 195 16.94 -8.14 9.61
CA ALA A 195 17.36 -6.88 8.99
C ALA A 195 18.58 -6.35 9.74
N LYS A 196 18.50 -6.35 11.07
CA LYS A 196 19.63 -5.86 11.88
C LYS A 196 20.88 -6.67 11.59
N ALA A 197 20.72 -7.98 11.46
CA ALA A 197 21.84 -8.87 11.17
C ALA A 197 22.51 -8.54 9.85
N SER A 198 21.73 -8.03 8.90
CA SER A 198 22.26 -7.71 7.57
C SER A 198 23.18 -6.49 7.60
N ILE A 199 23.17 -5.74 8.70
CA ILE A 199 24.04 -4.57 8.81
C ILE A 199 24.92 -4.65 10.05
N SER A 200 25.29 -5.87 10.43
CA SER A 200 26.14 -6.07 11.60
C SER A 200 26.82 -7.44 11.52
N MET A 201 26.07 -8.49 11.83
CA MET A 201 26.59 -9.85 11.81
C MET A 201 27.17 -10.26 10.45
N TYR A 202 26.35 -10.17 9.40
CA TYR A 202 26.84 -10.55 8.09
C TYR A 202 28.02 -9.73 7.60
N PRO A 203 27.99 -8.40 7.80
CA PRO A 203 29.15 -7.63 7.34
C PRO A 203 30.43 -8.17 7.99
N GLU A 204 30.32 -8.57 9.25
CA GLU A 204 31.46 -9.13 10.00
C GLU A 204 32.07 -10.27 9.20
N ILE A 205 31.25 -11.27 8.91
CA ILE A 205 31.67 -12.45 8.17
C ILE A 205 32.40 -12.06 6.88
N ILE A 206 31.84 -11.09 6.16
CA ILE A 206 32.43 -10.64 4.92
C ILE A 206 33.83 -10.08 5.17
N LEU A 207 33.96 -9.34 6.28
CA LEU A 207 35.24 -8.73 6.66
C LEU A 207 36.13 -9.70 7.43
N LYS A 208 35.57 -10.87 7.77
CA LYS A 208 36.30 -11.90 8.52
C LYS A 208 37.63 -12.24 7.85
N ARG A 209 37.63 -12.25 6.53
CA ARG A 209 38.84 -12.56 5.76
C ARG A 209 39.86 -11.44 5.90
N GLY B 6 -31.49 -19.37 -4.28
CA GLY B 6 -30.12 -19.47 -4.84
C GLY B 6 -29.33 -18.18 -4.71
N VAL B 7 -28.97 -17.84 -3.47
CA VAL B 7 -28.20 -16.64 -3.15
C VAL B 7 -28.63 -15.39 -3.94
N LYS B 8 -29.51 -14.60 -3.34
CA LYS B 8 -29.99 -13.39 -3.97
C LYS B 8 -29.16 -12.19 -3.55
N PHE B 9 -28.71 -11.40 -4.52
CA PHE B 9 -27.91 -10.21 -4.22
C PHE B 9 -28.77 -8.98 -4.35
N ILE B 10 -28.59 -8.04 -3.44
CA ILE B 10 -29.40 -6.84 -3.43
C ILE B 10 -28.62 -5.53 -3.35
N GLU B 11 -28.98 -4.59 -4.22
CA GLU B 11 -28.36 -3.26 -4.23
C GLU B 11 -29.34 -2.39 -3.46
N MET B 12 -28.98 -2.01 -2.24
CA MET B 12 -29.85 -1.21 -1.37
C MET B 12 -29.90 0.28 -1.65
N ASP B 13 -29.05 0.79 -2.54
CA ASP B 13 -29.04 2.22 -2.77
C ASP B 13 -28.60 2.69 -4.16
N ILE B 14 -29.55 2.69 -5.10
CA ILE B 14 -29.30 3.14 -6.46
C ILE B 14 -30.12 4.42 -6.62
N ARG B 15 -29.47 5.50 -7.04
CA ARG B 15 -30.13 6.78 -7.13
C ARG B 15 -30.29 7.36 -8.53
N ASP B 16 -30.29 6.50 -9.55
CA ASP B 16 -30.41 7.00 -10.91
C ASP B 16 -31.08 5.99 -11.85
N LYS B 17 -31.88 6.49 -12.77
CA LYS B 17 -32.60 5.66 -13.74
C LYS B 17 -31.71 4.69 -14.49
N GLU B 18 -30.72 5.22 -15.21
CA GLU B 18 -29.80 4.41 -15.97
C GLU B 18 -29.06 3.44 -15.05
N ALA B 19 -28.63 3.95 -13.90
CA ALA B 19 -27.94 3.14 -12.92
C ALA B 19 -28.83 1.95 -12.56
N TYR B 20 -30.12 2.23 -12.33
CA TYR B 20 -31.07 1.19 -11.98
C TYR B 20 -31.07 0.09 -13.05
N GLU B 21 -31.15 0.48 -14.31
CA GLU B 21 -31.16 -0.47 -15.42
C GLU B 21 -29.93 -1.37 -15.38
N LEU B 22 -28.77 -0.79 -15.12
CA LEU B 22 -27.55 -1.57 -15.05
C LEU B 22 -27.55 -2.45 -13.81
N ALA B 23 -27.93 -1.87 -12.68
CA ALA B 23 -27.97 -2.61 -11.43
C ALA B 23 -28.87 -3.84 -11.53
N LYS B 24 -30.03 -3.67 -12.16
CA LYS B 24 -30.98 -4.77 -12.33
C LYS B 24 -30.44 -5.93 -13.13
N GLU B 25 -29.40 -5.68 -13.91
CA GLU B 25 -28.79 -6.74 -14.71
C GLU B 25 -27.82 -7.56 -13.86
N TRP B 26 -27.32 -6.97 -12.77
CA TRP B 26 -26.37 -7.63 -11.91
C TRP B 26 -26.87 -8.03 -10.51
N PHE B 27 -27.89 -7.34 -10.03
CA PHE B 27 -28.45 -7.64 -8.71
C PHE B 27 -29.89 -8.10 -8.83
N ASP B 28 -30.24 -9.15 -8.09
CA ASP B 28 -31.59 -9.70 -8.10
C ASP B 28 -32.61 -8.65 -7.71
N GLU B 29 -32.29 -7.85 -6.70
CA GLU B 29 -33.19 -6.80 -6.25
C GLU B 29 -32.43 -5.49 -6.15
N VAL B 30 -33.10 -4.40 -6.49
CA VAL B 30 -32.52 -3.07 -6.43
C VAL B 30 -33.48 -2.11 -5.78
N VAL B 31 -32.97 -1.33 -4.82
CA VAL B 31 -33.77 -0.34 -4.13
C VAL B 31 -33.36 1.02 -4.68
N VAL B 32 -34.34 1.77 -5.20
CA VAL B 32 -34.05 3.09 -5.74
C VAL B 32 -34.29 4.11 -4.64
N SER B 33 -33.26 4.89 -4.34
CA SER B 33 -33.35 5.91 -3.31
C SER B 33 -33.72 7.25 -3.93
N ILE B 34 -34.82 7.84 -3.47
CA ILE B 34 -35.27 9.13 -3.97
C ILE B 34 -34.85 10.19 -2.95
N LYS B 35 -33.88 11.03 -3.33
CA LYS B 35 -33.36 12.07 -2.47
C LYS B 35 -34.27 13.26 -2.25
N PHE B 36 -34.25 13.80 -1.04
CA PHE B 36 -35.04 14.97 -0.66
C PHE B 36 -34.26 15.82 0.33
N ASN B 37 -34.37 17.14 0.18
CA ASN B 37 -33.65 18.05 1.07
C ASN B 37 -34.53 18.71 2.11
N GLU B 38 -35.60 19.36 1.65
CA GLU B 38 -36.51 20.07 2.54
C GLU B 38 -37.85 19.36 2.75
N GLU B 39 -38.50 18.96 1.67
CA GLU B 39 -39.79 18.29 1.75
C GLU B 39 -39.81 16.99 0.95
N VAL B 40 -40.71 16.09 1.33
CA VAL B 40 -40.85 14.80 0.64
C VAL B 40 -41.98 14.90 -0.39
N ASP B 41 -41.61 15.15 -1.64
CA ASP B 41 -42.59 15.26 -2.71
C ASP B 41 -43.42 13.98 -2.77
N LYS B 42 -44.62 14.04 -2.18
CA LYS B 42 -45.51 12.89 -2.14
C LYS B 42 -45.85 12.37 -3.54
N GLU B 43 -45.95 13.29 -4.50
CA GLU B 43 -46.27 12.92 -5.87
C GLU B 43 -45.10 12.19 -6.51
N LYS B 44 -43.92 12.79 -6.40
CA LYS B 44 -42.70 12.21 -6.96
C LYS B 44 -42.48 10.83 -6.36
N LEU B 45 -42.51 10.75 -5.03
CA LEU B 45 -42.32 9.49 -4.33
C LEU B 45 -43.33 8.43 -4.74
N ARG B 46 -44.56 8.87 -4.97
CA ARG B 46 -45.65 7.96 -5.36
C ARG B 46 -45.36 7.33 -6.73
N GLU B 47 -44.99 8.18 -7.68
CA GLU B 47 -44.70 7.71 -9.05
C GLU B 47 -43.46 6.84 -9.09
N ALA B 48 -42.54 7.08 -8.15
CA ALA B 48 -41.30 6.31 -8.09
C ALA B 48 -41.60 4.84 -7.81
N ARG B 49 -42.41 4.59 -6.79
CA ARG B 49 -42.77 3.22 -6.42
C ARG B 49 -43.41 2.46 -7.58
N LYS B 50 -44.12 3.18 -8.44
CA LYS B 50 -44.79 2.53 -9.57
C LYS B 50 -43.80 2.09 -10.63
N GLU B 51 -42.85 2.97 -10.97
CA GLU B 51 -41.85 2.68 -12.00
C GLU B 51 -40.78 1.66 -11.57
N TYR B 52 -40.39 1.68 -10.30
CA TYR B 52 -39.37 0.77 -9.82
C TYR B 52 -39.89 -0.34 -8.90
N GLY B 53 -40.81 0.01 -8.01
CA GLY B 53 -41.35 -0.97 -7.09
C GLY B 53 -40.80 -0.75 -5.70
N LYS B 54 -39.53 -1.07 -5.51
CA LYS B 54 -38.89 -0.89 -4.20
C LYS B 54 -38.18 0.46 -4.19
N VAL B 55 -38.71 1.39 -3.40
CA VAL B 55 -38.13 2.71 -3.32
C VAL B 55 -37.86 3.11 -1.88
N ALA B 56 -36.81 3.89 -1.66
CA ALA B 56 -36.46 4.34 -0.34
C ALA B 56 -36.44 5.87 -0.34
N ILE B 57 -36.86 6.45 0.78
CA ILE B 57 -36.87 7.90 0.90
C ILE B 57 -35.51 8.31 1.47
N LEU B 58 -34.74 9.06 0.70
CA LEU B 58 -33.41 9.47 1.14
C LEU B 58 -33.36 10.93 1.59
N LEU B 59 -33.20 11.11 2.89
CA LEU B 59 -33.10 12.45 3.46
C LEU B 59 -31.63 12.83 3.48
N SER B 60 -31.29 13.87 2.72
CA SER B 60 -29.92 14.36 2.60
C SER B 60 -29.65 15.54 3.53
N ASN B 61 -28.95 15.27 4.63
CA ASN B 61 -28.64 16.30 5.61
C ASN B 61 -29.93 17.02 6.00
N PRO B 62 -30.91 16.26 6.48
CA PRO B 62 -32.19 16.83 6.88
C PRO B 62 -32.12 17.44 8.28
N LYS B 63 -33.11 18.25 8.61
CA LYS B 63 -33.20 18.86 9.92
C LYS B 63 -34.09 17.89 10.70
N PRO B 64 -33.87 17.76 12.02
CA PRO B 64 -34.66 16.85 12.85
C PRO B 64 -36.16 16.82 12.52
N SER B 65 -36.77 17.98 12.32
CA SER B 65 -38.20 18.05 12.03
C SER B 65 -38.59 17.24 10.80
N LEU B 66 -37.81 17.36 9.73
CA LEU B 66 -38.09 16.63 8.50
C LEU B 66 -37.96 15.13 8.75
N VAL B 67 -37.04 14.74 9.62
CA VAL B 67 -36.83 13.34 9.96
C VAL B 67 -38.04 12.80 10.72
N ARG B 68 -38.39 13.49 11.81
CA ARG B 68 -39.53 13.08 12.62
C ARG B 68 -40.79 13.03 11.76
N ASP B 69 -40.98 14.07 10.96
CA ASP B 69 -42.15 14.16 10.08
C ASP B 69 -42.18 13.00 9.08
N THR B 70 -41.03 12.71 8.49
CA THR B 70 -40.92 11.63 7.50
C THR B 70 -41.22 10.27 8.10
N VAL B 71 -40.60 9.95 9.24
CA VAL B 71 -40.83 8.66 9.88
C VAL B 71 -42.24 8.58 10.43
N GLN B 72 -42.86 9.74 10.62
CA GLN B 72 -44.22 9.82 11.15
C GLN B 72 -45.28 9.38 10.15
N LYS B 73 -45.29 10.01 8.96
CA LYS B 73 -46.28 9.67 7.95
C LYS B 73 -45.78 8.91 6.72
N PHE B 74 -44.58 8.33 6.80
CA PHE B 74 -44.04 7.58 5.68
C PHE B 74 -43.34 6.29 6.08
N LYS B 75 -43.59 5.82 7.30
CA LYS B 75 -42.97 4.59 7.78
C LYS B 75 -43.11 3.45 6.78
N SER B 76 -44.17 3.47 5.98
CA SER B 76 -44.41 2.43 4.99
C SER B 76 -43.29 2.37 3.94
N TYR B 77 -42.54 3.45 3.84
CA TYR B 77 -41.42 3.52 2.90
C TYR B 77 -40.10 3.35 3.63
N LEU B 78 -39.12 2.73 2.98
CA LEU B 78 -37.81 2.59 3.60
C LEU B 78 -37.33 4.01 3.77
N ILE B 79 -36.68 4.29 4.88
CA ILE B 79 -36.18 5.63 5.13
C ILE B 79 -34.66 5.64 5.35
N TYR B 80 -33.96 6.39 4.50
CA TYR B 80 -32.51 6.50 4.57
C TYR B 80 -32.12 7.92 4.98
N VAL B 81 -31.07 8.04 5.75
CA VAL B 81 -30.58 9.34 6.17
C VAL B 81 -29.08 9.43 5.93
N GLU B 82 -28.68 10.48 5.23
CA GLU B 82 -27.27 10.71 4.98
C GLU B 82 -26.97 12.13 5.43
N SER B 83 -26.07 12.25 6.39
CA SER B 83 -25.67 13.56 6.91
C SER B 83 -24.35 13.43 7.67
N ASN B 84 -23.67 14.55 7.83
CA ASN B 84 -22.41 14.57 8.54
C ASN B 84 -22.56 15.25 9.90
N ASP B 85 -23.80 15.34 10.39
CA ASP B 85 -24.10 15.98 11.67
C ASP B 85 -24.46 14.94 12.73
N LEU B 86 -23.63 14.83 13.77
CA LEU B 86 -23.89 13.86 14.84
C LEU B 86 -25.29 13.97 15.43
N ARG B 87 -25.75 15.20 15.65
CA ARG B 87 -27.07 15.42 16.21
C ARG B 87 -28.14 14.74 15.35
N VAL B 88 -28.13 15.04 14.05
CA VAL B 88 -29.09 14.44 13.13
C VAL B 88 -28.90 12.94 13.06
N ILE B 89 -27.64 12.50 13.08
CA ILE B 89 -27.34 11.08 13.01
C ILE B 89 -27.98 10.36 14.20
N ARG B 90 -27.71 10.85 15.41
CA ARG B 90 -28.26 10.23 16.60
C ARG B 90 -29.80 10.28 16.58
N TYR B 91 -30.34 11.45 16.30
CA TYR B 91 -31.79 11.61 16.26
C TYR B 91 -32.44 10.68 15.24
N SER B 92 -31.82 10.58 14.06
CA SER B 92 -32.35 9.71 13.01
C SER B 92 -32.39 8.27 13.48
N ILE B 93 -31.37 7.87 14.23
CA ILE B 93 -31.30 6.51 14.76
C ILE B 93 -32.38 6.32 15.82
N GLU B 94 -32.53 7.32 16.69
CA GLU B 94 -33.54 7.25 17.75
C GLU B 94 -34.93 7.20 17.13
N LYS B 95 -35.11 7.91 16.02
CA LYS B 95 -36.39 7.94 15.32
C LYS B 95 -36.69 6.60 14.64
N GLY B 96 -35.67 5.77 14.48
CA GLY B 96 -35.86 4.47 13.87
C GLY B 96 -35.83 4.37 12.36
N VAL B 97 -35.06 5.22 11.69
CA VAL B 97 -34.95 5.16 10.23
C VAL B 97 -34.34 3.79 9.92
N ASP B 98 -34.47 3.34 8.67
CA ASP B 98 -33.94 2.03 8.32
C ASP B 98 -32.43 1.99 8.16
N ALA B 99 -31.82 3.13 7.81
CA ALA B 99 -30.38 3.14 7.65
C ALA B 99 -29.75 4.51 7.65
N ILE B 100 -28.49 4.53 8.08
CA ILE B 100 -27.67 5.73 8.12
C ILE B 100 -26.61 5.41 7.04
N ILE B 101 -26.50 6.26 6.03
CA ILE B 101 -25.55 6.00 4.96
C ILE B 101 -24.29 6.85 4.95
N SER B 102 -23.15 6.17 5.00
CA SER B 102 -21.83 6.78 4.99
C SER B 102 -21.69 8.07 5.79
N PRO B 103 -21.90 8.02 7.12
CA PRO B 103 -21.81 9.17 8.01
C PRO B 103 -20.43 9.83 8.02
N TRP B 104 -19.42 9.04 7.64
CA TRP B 104 -18.04 9.52 7.59
C TRP B 104 -17.78 10.54 6.50
N VAL B 105 -18.63 10.56 5.48
CA VAL B 105 -18.44 11.52 4.39
C VAL B 105 -18.50 12.94 4.96
N ASN B 106 -17.51 13.75 4.64
CA ASN B 106 -17.43 15.13 5.10
C ASN B 106 -17.09 15.32 6.57
N ARG B 107 -16.70 14.24 7.25
CA ARG B 107 -16.33 14.33 8.65
C ARG B 107 -14.86 13.91 8.78
N LYS B 108 -14.28 14.16 9.95
CA LYS B 108 -12.90 13.80 10.20
C LYS B 108 -12.89 12.58 11.13
N ASP B 109 -13.99 11.84 11.12
CA ASP B 109 -14.12 10.63 11.93
C ASP B 109 -15.14 9.70 11.28
N PRO B 110 -15.28 8.47 11.81
CA PRO B 110 -16.23 7.51 11.24
C PRO B 110 -17.70 7.95 11.31
N GLY B 111 -17.98 8.96 12.12
CA GLY B 111 -19.36 9.44 12.26
C GLY B 111 -20.16 8.47 13.11
N ILE B 112 -19.47 7.56 13.78
CA ILE B 112 -20.11 6.57 14.62
C ILE B 112 -19.13 6.07 15.68
N ASP B 113 -19.66 5.73 16.86
CA ASP B 113 -18.84 5.20 17.94
C ASP B 113 -19.53 4.00 18.58
N HIS B 114 -18.99 3.47 19.67
CA HIS B 114 -19.60 2.32 20.31
C HIS B 114 -20.98 2.64 20.88
N VAL B 115 -21.18 3.88 21.33
CA VAL B 115 -22.46 4.28 21.87
C VAL B 115 -23.52 4.28 20.76
N LEU B 116 -23.23 4.97 19.67
CA LEU B 116 -24.17 5.02 18.55
C LEU B 116 -24.39 3.63 17.93
N ALA B 117 -23.33 2.84 17.84
CA ALA B 117 -23.44 1.50 17.27
C ALA B 117 -24.42 0.67 18.12
N LYS B 118 -24.29 0.81 19.44
CA LYS B 118 -25.18 0.10 20.36
C LYS B 118 -26.62 0.57 20.15
N LEU B 119 -26.79 1.88 19.96
CA LEU B 119 -28.13 2.43 19.74
C LEU B 119 -28.73 1.93 18.43
N MET B 120 -27.88 1.73 17.42
CA MET B 120 -28.35 1.24 16.12
C MET B 120 -28.87 -0.19 16.21
N VAL B 121 -28.19 -1.04 16.96
CA VAL B 121 -28.64 -2.43 17.08
C VAL B 121 -29.95 -2.50 17.87
N LYS B 122 -30.12 -1.56 18.80
CA LYS B 122 -31.33 -1.51 19.60
C LYS B 122 -32.51 -0.99 18.79
N LYS B 123 -32.30 0.08 18.05
CA LYS B 123 -33.35 0.68 17.22
C LYS B 123 -33.47 0.06 15.82
N ASN B 124 -32.83 -1.08 15.61
CA ASN B 124 -32.87 -1.76 14.31
C ASN B 124 -32.47 -0.87 13.13
N VAL B 125 -31.38 -0.14 13.28
CA VAL B 125 -30.92 0.73 12.21
C VAL B 125 -29.63 0.20 11.60
N ALA B 126 -29.60 0.10 10.27
CA ALA B 126 -28.43 -0.41 9.57
C ALA B 126 -27.46 0.69 9.13
N LEU B 127 -26.21 0.31 8.94
CA LEU B 127 -25.18 1.24 8.49
C LEU B 127 -24.86 0.92 7.03
N GLY B 128 -24.87 1.93 6.17
CA GLY B 128 -24.57 1.69 4.77
C GLY B 128 -23.18 2.14 4.40
N PHE B 129 -22.41 1.23 3.80
CA PHE B 129 -21.05 1.53 3.35
C PHE B 129 -21.10 1.78 1.86
N SER B 130 -20.93 3.03 1.45
CA SER B 130 -21.04 3.34 0.03
C SER B 130 -19.69 3.45 -0.66
N LEU B 131 -19.68 3.01 -1.92
CA LEU B 131 -18.48 3.03 -2.74
C LEU B 131 -18.24 4.39 -3.38
N ARG B 132 -19.32 5.03 -3.84
CA ARG B 132 -19.18 6.29 -4.56
C ARG B 132 -18.20 7.33 -4.05
N PRO B 133 -18.22 7.65 -2.74
CA PRO B 133 -17.27 8.66 -2.25
C PRO B 133 -15.83 8.31 -2.61
N LEU B 134 -15.54 7.02 -2.68
CA LEU B 134 -14.20 6.56 -3.02
C LEU B 134 -13.85 6.72 -4.50
N LEU B 135 -14.85 6.60 -5.37
CA LEU B 135 -14.61 6.72 -6.81
C LEU B 135 -14.02 8.01 -7.32
N TYR B 136 -14.61 9.15 -6.99
CA TYR B 136 -14.12 10.41 -7.50
C TYR B 136 -13.39 11.35 -6.53
N SER B 137 -12.84 10.81 -5.44
CA SER B 137 -12.13 11.63 -4.49
C SER B 137 -10.62 11.57 -4.72
N ASN B 138 -9.89 12.58 -4.25
CA ASN B 138 -8.44 12.59 -4.44
C ASN B 138 -7.80 11.56 -3.51
N PRO B 139 -6.48 11.31 -3.68
CA PRO B 139 -5.74 10.34 -2.86
C PRO B 139 -5.85 10.54 -1.35
N TYR B 140 -5.71 11.78 -0.89
CA TYR B 140 -5.81 12.08 0.54
C TYR B 140 -7.19 11.73 1.07
N GLU B 141 -8.22 12.14 0.34
CA GLU B 141 -9.60 11.87 0.73
C GLU B 141 -9.89 10.38 0.76
N ARG B 142 -9.44 9.66 -0.26
CA ARG B 142 -9.64 8.22 -0.34
C ARG B 142 -9.03 7.51 0.86
N ALA B 143 -7.81 7.90 1.20
CA ALA B 143 -7.12 7.27 2.33
C ALA B 143 -7.92 7.46 3.62
N ASN B 144 -8.37 8.68 3.87
CA ASN B 144 -9.13 8.97 5.07
C ASN B 144 -10.49 8.25 5.06
N LEU B 145 -11.17 8.26 3.91
CA LEU B 145 -12.46 7.59 3.80
C LEU B 145 -12.27 6.12 4.17
N LEU B 146 -11.24 5.50 3.62
CA LEU B 146 -10.96 4.09 3.91
C LEU B 146 -10.67 3.86 5.39
N ARG B 147 -9.92 4.77 6.01
CA ARG B 147 -9.59 4.63 7.42
C ARG B 147 -10.86 4.60 8.25
N PHE B 148 -11.73 5.57 8.01
CA PHE B 148 -13.00 5.69 8.72
C PHE B 148 -13.92 4.49 8.47
N MET B 149 -13.97 4.02 7.23
CA MET B 149 -14.80 2.88 6.89
C MET B 149 -14.27 1.65 7.63
N MET B 150 -12.95 1.56 7.76
CA MET B 150 -12.34 0.44 8.46
C MET B 150 -12.76 0.43 9.92
N LYS B 151 -12.77 1.60 10.55
CA LYS B 151 -13.16 1.71 11.96
C LYS B 151 -14.65 1.40 12.09
N ALA B 152 -15.46 1.98 11.20
CA ALA B 152 -16.90 1.75 11.22
C ALA B 152 -17.20 0.26 11.13
N TRP B 153 -16.50 -0.44 10.25
CA TRP B 153 -16.71 -1.87 10.10
C TRP B 153 -16.46 -2.58 11.43
N LYS B 154 -15.35 -2.23 12.08
CA LYS B 154 -14.96 -2.83 13.36
C LYS B 154 -16.09 -2.70 14.38
N LEU B 155 -16.66 -1.50 14.48
CA LEU B 155 -17.74 -1.23 15.41
C LEU B 155 -18.95 -2.05 15.04
N VAL B 156 -19.31 -2.02 13.77
CA VAL B 156 -20.46 -2.78 13.27
C VAL B 156 -20.32 -4.27 13.56
N GLU B 157 -19.13 -4.81 13.34
CA GLU B 157 -18.88 -6.22 13.57
C GLU B 157 -19.03 -6.56 15.06
N LYS B 158 -18.33 -5.80 15.89
CA LYS B 158 -18.37 -5.99 17.34
C LYS B 158 -19.78 -6.02 17.92
N TYR B 159 -20.57 -4.99 17.61
CA TYR B 159 -21.93 -4.88 18.13
C TYR B 159 -23.05 -5.48 17.29
N LYS B 160 -22.68 -6.19 16.21
CA LYS B 160 -23.64 -6.84 15.33
C LYS B 160 -24.69 -5.92 14.71
N VAL B 161 -24.28 -4.71 14.35
CA VAL B 161 -25.17 -3.75 13.72
C VAL B 161 -25.42 -4.20 12.27
N ARG B 162 -26.65 -4.08 11.80
CA ARG B 162 -26.96 -4.46 10.41
C ARG B 162 -26.14 -3.60 9.47
N ARG B 163 -25.62 -4.19 8.40
CA ARG B 163 -24.80 -3.44 7.46
C ARG B 163 -24.91 -3.94 6.03
N PHE B 164 -24.63 -3.06 5.08
CA PHE B 164 -24.67 -3.43 3.67
C PHE B 164 -23.68 -2.59 2.87
N LEU B 165 -23.21 -3.18 1.76
CA LEU B 165 -22.30 -2.51 0.86
C LEU B 165 -23.15 -2.03 -0.30
N THR B 166 -22.91 -0.81 -0.77
CA THR B 166 -23.68 -0.27 -1.89
C THR B 166 -22.84 0.67 -2.74
N SER B 167 -23.21 0.81 -4.01
CA SER B 167 -22.50 1.72 -4.89
C SER B 167 -23.03 3.14 -4.67
N SER B 168 -24.26 3.26 -4.17
CA SER B 168 -24.89 4.56 -3.96
C SER B 168 -24.74 5.34 -5.28
N ALA B 169 -24.85 4.60 -6.38
CA ALA B 169 -24.70 5.13 -7.73
C ALA B 169 -25.61 6.29 -8.12
N GLN B 170 -25.02 7.31 -8.73
CA GLN B 170 -25.76 8.47 -9.19
C GLN B 170 -25.78 8.43 -10.73
N GLU B 171 -25.00 7.50 -11.29
CA GLU B 171 -24.92 7.30 -12.73
C GLU B 171 -24.61 5.83 -12.99
N LYS B 172 -24.92 5.35 -14.19
CA LYS B 172 -24.65 3.96 -14.53
C LYS B 172 -23.16 3.66 -14.30
N TRP B 173 -22.32 4.66 -14.53
CA TRP B 173 -20.89 4.49 -14.34
C TRP B 173 -20.45 4.24 -12.90
N ASP B 174 -21.35 4.49 -11.94
CA ASP B 174 -21.03 4.28 -10.52
C ASP B 174 -21.33 2.87 -10.05
N VAL B 175 -22.08 2.12 -10.84
CA VAL B 175 -22.45 0.77 -10.47
C VAL B 175 -21.33 -0.25 -10.61
N ARG B 176 -21.32 -1.23 -9.71
CA ARG B 176 -20.31 -2.28 -9.74
C ARG B 176 -20.94 -3.66 -9.52
N TYR B 177 -20.35 -4.67 -10.14
CA TYR B 177 -20.79 -6.05 -10.04
C TYR B 177 -20.74 -6.51 -8.59
N PRO B 178 -21.72 -7.32 -8.15
CA PRO B 178 -21.77 -7.81 -6.77
C PRO B 178 -20.46 -8.34 -6.20
N ARG B 179 -19.80 -9.26 -6.92
CA ARG B 179 -18.56 -9.82 -6.40
C ARG B 179 -17.42 -8.80 -6.33
N ASP B 180 -17.54 -7.70 -7.07
CA ASP B 180 -16.51 -6.66 -7.00
C ASP B 180 -16.81 -5.80 -5.77
N LEU B 181 -18.08 -5.47 -5.59
CA LEU B 181 -18.50 -4.67 -4.44
C LEU B 181 -17.98 -5.37 -3.18
N ILE B 182 -18.00 -6.70 -3.21
CA ILE B 182 -17.52 -7.55 -2.11
C ILE B 182 -16.06 -7.23 -1.74
N SER B 183 -15.22 -7.01 -2.75
CA SER B 183 -13.81 -6.71 -2.49
C SER B 183 -13.65 -5.45 -1.65
N LEU B 184 -14.58 -4.52 -1.77
CA LEU B 184 -14.53 -3.29 -0.98
C LEU B 184 -14.68 -3.70 0.48
N GLY B 185 -15.63 -4.59 0.75
CA GLY B 185 -15.84 -5.06 2.11
C GLY B 185 -14.58 -5.72 2.63
N VAL B 186 -13.97 -6.56 1.80
CA VAL B 186 -12.75 -7.26 2.19
C VAL B 186 -11.62 -6.29 2.52
N VAL B 187 -11.43 -5.28 1.67
CA VAL B 187 -10.38 -4.30 1.91
C VAL B 187 -10.58 -3.52 3.22
N ILE B 188 -11.82 -3.28 3.60
CA ILE B 188 -12.04 -2.54 4.85
C ILE B 188 -12.08 -3.43 6.08
N GLY B 189 -11.81 -4.73 5.92
CA GLY B 189 -11.76 -5.63 7.06
C GLY B 189 -12.69 -6.84 7.14
N MET B 190 -13.67 -6.91 6.26
CA MET B 190 -14.60 -8.04 6.27
C MET B 190 -14.00 -9.30 5.67
N GLU B 191 -14.50 -10.44 6.12
CA GLU B 191 -14.08 -11.73 5.57
C GLU B 191 -14.99 -11.87 4.36
N ILE B 192 -14.59 -12.65 3.36
CA ILE B 192 -15.43 -12.82 2.18
C ILE B 192 -16.88 -13.17 2.55
N PRO B 193 -17.09 -14.12 3.47
CA PRO B 193 -18.46 -14.50 3.86
C PRO B 193 -19.25 -13.30 4.42
N GLN B 194 -18.58 -12.49 5.23
CA GLN B 194 -19.22 -11.32 5.83
C GLN B 194 -19.61 -10.29 4.77
N ALA B 195 -18.73 -10.06 3.80
CA ALA B 195 -19.02 -9.10 2.73
C ALA B 195 -20.18 -9.60 1.88
N LYS B 196 -20.22 -10.91 1.63
CA LYS B 196 -21.32 -11.47 0.83
C LYS B 196 -22.66 -11.23 1.52
N ALA B 197 -22.67 -11.46 2.84
CA ALA B 197 -23.89 -11.28 3.63
C ALA B 197 -24.34 -9.83 3.61
N SER B 198 -23.36 -8.92 3.48
CA SER B 198 -23.65 -7.50 3.45
C SER B 198 -24.41 -7.08 2.19
N ILE B 199 -24.47 -7.96 1.19
CA ILE B 199 -25.21 -7.63 -0.02
C ILE B 199 -26.25 -8.70 -0.36
N SER B 200 -26.63 -9.47 0.65
CA SER B 200 -27.64 -10.52 0.49
C SER B 200 -28.43 -10.70 1.78
N MET B 201 -27.88 -11.47 2.73
CA MET B 201 -28.55 -11.72 4.00
C MET B 201 -29.01 -10.45 4.71
N TYR B 202 -28.11 -9.51 4.95
CA TYR B 202 -28.49 -8.27 5.63
C TYR B 202 -29.51 -7.43 4.88
N PRO B 203 -29.35 -7.25 3.56
CA PRO B 203 -30.36 -6.45 2.87
C PRO B 203 -31.73 -7.08 3.09
N GLU B 204 -31.77 -8.41 3.03
CA GLU B 204 -33.00 -9.17 3.23
C GLU B 204 -33.65 -8.78 4.56
N ILE B 205 -32.88 -8.86 5.64
CA ILE B 205 -33.36 -8.54 6.97
C ILE B 205 -33.92 -7.12 7.07
N ILE B 206 -33.20 -6.17 6.51
CA ILE B 206 -33.61 -4.77 6.53
C ILE B 206 -34.95 -4.57 5.79
N LEU B 207 -35.10 -5.25 4.66
CA LEU B 207 -36.32 -5.14 3.86
C LEU B 207 -37.49 -5.88 4.49
N LYS B 208 -37.18 -6.77 5.43
CA LYS B 208 -38.19 -7.57 6.12
C LYS B 208 -39.35 -6.71 6.61
N ARG B 209 -39.01 -5.66 7.36
CA ARG B 209 -39.96 -4.72 7.93
C ARG B 209 -41.08 -4.33 6.97
N LEU B 210 -40.73 -4.04 5.72
CA LEU B 210 -41.72 -3.65 4.72
C LEU B 210 -42.68 -4.78 4.39
N LYS B 211 -42.56 -5.89 5.12
CA LYS B 211 -43.40 -7.07 4.92
C LYS B 211 -44.86 -6.68 4.76
N ARG C 3 -22.67 15.97 19.12
CA ARG C 3 -21.32 16.61 19.13
C ARG C 3 -20.25 15.75 19.78
N LYS C 4 -19.15 15.55 19.05
CA LYS C 4 -18.02 14.76 19.54
C LYS C 4 -18.35 13.32 19.90
N LEU C 5 -17.73 12.38 19.18
CA LEU C 5 -17.94 10.96 19.44
C LEU C 5 -17.21 10.63 20.74
N LYS C 6 -17.53 9.48 21.33
CA LYS C 6 -16.89 9.09 22.58
C LYS C 6 -15.71 8.15 22.33
N THR C 7 -14.67 8.31 23.13
CA THR C 7 -13.48 7.46 23.00
C THR C 7 -13.94 6.01 23.05
N LEU C 8 -13.58 5.25 22.02
CA LEU C 8 -13.97 3.85 21.93
C LEU C 8 -13.34 3.04 23.06
N PRO C 9 -13.93 1.87 23.38
CA PRO C 9 -13.40 1.02 24.45
C PRO C 9 -11.99 0.58 24.08
N PRO C 10 -11.11 0.42 25.07
CA PRO C 10 -9.72 -0.01 24.85
C PRO C 10 -9.54 -1.15 23.85
N THR C 11 -10.55 -2.01 23.74
CA THR C 11 -10.48 -3.15 22.82
C THR C 11 -10.72 -2.75 21.36
N LEU C 12 -11.47 -1.68 21.17
CA LEU C 12 -11.79 -1.20 19.83
C LEU C 12 -11.02 0.02 19.38
N ARG C 13 -10.37 0.72 20.32
CA ARG C 13 -9.62 1.91 19.96
C ARG C 13 -8.37 1.55 19.17
N ASP C 14 -7.90 2.47 18.34
CA ASP C 14 -6.70 2.24 17.54
C ASP C 14 -5.50 1.98 18.46
N LYS C 15 -4.63 1.06 18.07
CA LYS C 15 -3.42 0.76 18.82
C LYS C 15 -2.31 1.50 18.09
N ASN C 16 -1.73 2.50 18.74
CA ASN C 16 -0.71 3.34 18.14
C ASN C 16 0.70 3.27 18.72
N ARG C 17 1.63 3.78 17.91
CA ARG C 17 3.04 3.88 18.27
C ARG C 17 3.41 5.30 17.86
N TYR C 18 4.19 5.98 18.69
CA TYR C 18 4.63 7.33 18.36
C TYR C 18 6.11 7.28 18.01
N ILE C 19 6.45 7.95 16.91
CA ILE C 19 7.81 7.98 16.41
C ILE C 19 8.41 9.37 16.54
N ALA C 20 9.56 9.45 17.20
CA ALA C 20 10.27 10.72 17.35
C ALA C 20 11.22 10.75 16.18
N PHE C 21 11.33 11.89 15.50
CA PHE C 21 12.23 11.99 14.36
C PHE C 21 12.91 13.34 14.31
N GLU C 22 13.96 13.40 13.51
CA GLU C 22 14.72 14.63 13.32
C GLU C 22 14.94 14.81 11.82
N ILE C 23 14.84 16.04 11.34
CA ILE C 23 15.07 16.30 9.93
C ILE C 23 16.44 16.93 9.77
N ILE C 24 17.26 16.30 8.93
CA ILE C 24 18.60 16.79 8.68
C ILE C 24 18.60 17.49 7.31
N SER C 25 18.95 18.77 7.29
CA SER C 25 19.01 19.53 6.05
C SER C 25 19.52 20.95 6.23
N ASP C 26 19.91 21.57 5.12
CA ASP C 26 20.42 22.93 5.17
C ASP C 26 19.28 23.93 5.14
N GLY C 27 18.09 23.49 4.77
CA GLY C 27 16.95 24.37 4.72
C GLY C 27 16.06 24.25 5.95
N ASP C 28 15.10 25.14 6.08
CA ASP C 28 14.15 25.12 7.20
C ASP C 28 12.81 24.57 6.71
N PHE C 29 12.01 24.07 7.66
CA PHE C 29 10.70 23.54 7.34
C PHE C 29 9.67 24.00 8.35
N THR C 30 8.47 24.27 7.87
CA THR C 30 7.37 24.68 8.72
C THR C 30 6.61 23.42 9.09
N LYS C 31 5.72 23.52 10.06
CA LYS C 31 4.92 22.36 10.45
C LYS C 31 4.06 21.87 9.28
N ASP C 32 3.51 22.82 8.52
CA ASP C 32 2.68 22.50 7.36
C ASP C 32 3.43 21.72 6.29
N GLU C 33 4.69 22.10 6.05
CA GLU C 33 5.51 21.42 5.06
C GLU C 33 5.79 19.97 5.48
N VAL C 34 5.99 19.77 6.78
CA VAL C 34 6.26 18.44 7.30
C VAL C 34 5.04 17.54 7.23
N LYS C 35 3.87 18.08 7.57
CA LYS C 35 2.67 17.26 7.50
C LYS C 35 2.47 16.83 6.04
N GLU C 36 2.71 17.76 5.12
CA GLU C 36 2.53 17.48 3.70
C GLU C 36 3.49 16.42 3.14
N LEU C 37 4.79 16.56 3.42
CA LEU C 37 5.75 15.59 2.90
C LEU C 37 5.53 14.20 3.46
N ILE C 38 5.01 14.11 4.68
CA ILE C 38 4.74 12.80 5.28
C ILE C 38 3.57 12.15 4.55
N TRP C 39 2.49 12.91 4.36
CA TRP C 39 1.33 12.40 3.64
C TRP C 39 1.63 12.09 2.18
N LYS C 40 2.47 12.92 1.57
CA LYS C 40 2.82 12.71 0.17
C LYS C 40 3.59 11.40 0.03
N SER C 41 4.57 11.18 0.91
CA SER C 41 5.38 9.98 0.82
C SER C 41 4.56 8.74 1.13
N SER C 42 3.74 8.82 2.19
CA SER C 42 2.93 7.69 2.57
C SER C 42 2.01 7.28 1.42
N LEU C 43 1.38 8.27 0.80
CA LEU C 43 0.47 7.99 -0.31
C LEU C 43 1.17 7.35 -1.50
N GLU C 44 2.38 7.80 -1.80
CA GLU C 44 3.14 7.27 -2.93
C GLU C 44 3.69 5.88 -2.64
N VAL C 45 4.33 5.74 -1.50
CA VAL C 45 4.96 4.48 -1.09
C VAL C 45 3.97 3.41 -0.63
N LEU C 46 3.00 3.80 0.18
CA LEU C 46 2.02 2.87 0.73
C LEU C 46 0.65 2.88 0.02
N GLY C 47 0.44 3.87 -0.85
CA GLY C 47 -0.84 3.95 -1.53
C GLY C 47 -1.95 4.47 -0.65
N GLU C 48 -3.14 4.58 -1.21
CA GLU C 48 -4.29 5.07 -0.44
C GLU C 48 -4.68 4.01 0.56
N THR C 49 -4.67 2.75 0.12
CA THR C 49 -5.04 1.65 0.99
C THR C 49 -4.06 1.48 2.16
N GLY C 50 -2.76 1.50 1.83
CA GLY C 50 -1.73 1.35 2.85
C GLY C 50 -1.75 2.50 3.83
N THR C 51 -1.95 3.71 3.32
CA THR C 51 -2.00 4.87 4.20
C THR C 51 -3.19 4.75 5.16
N ALA C 52 -4.28 4.14 4.69
CA ALA C 52 -5.47 3.95 5.52
C ALA C 52 -5.18 2.95 6.63
N ILE C 53 -4.32 1.98 6.33
CA ILE C 53 -3.96 0.95 7.30
C ILE C 53 -2.92 1.45 8.31
N VAL C 54 -1.94 2.19 7.80
CA VAL C 54 -0.87 2.73 8.64
C VAL C 54 -1.32 3.90 9.50
N LYS C 55 -2.22 4.70 8.95
CA LYS C 55 -2.78 5.85 9.66
C LYS C 55 -1.72 6.83 10.16
N PRO C 56 -0.85 7.30 9.25
CA PRO C 56 0.19 8.26 9.64
C PRO C 56 -0.42 9.57 10.12
N TRP C 57 0.17 10.17 11.14
CA TRP C 57 -0.37 11.43 11.64
C TRP C 57 0.66 12.24 12.40
N LEU C 58 0.99 13.42 11.86
CA LEU C 58 1.95 14.30 12.50
C LEU C 58 1.34 14.88 13.77
N ILE C 59 1.92 14.57 14.91
CA ILE C 59 1.42 15.09 16.19
C ILE C 59 1.97 16.49 16.45
N LYS C 60 3.27 16.67 16.20
CA LYS C 60 3.90 17.97 16.43
C LYS C 60 5.28 18.02 15.78
N PHE C 61 5.67 19.21 15.33
CA PHE C 61 6.98 19.42 14.71
C PHE C 61 7.56 20.72 15.23
N ASP C 62 8.84 20.72 15.54
CA ASP C 62 9.50 21.91 16.05
C ASP C 62 10.52 22.46 15.07
N PRO C 63 10.14 23.51 14.34
CA PRO C 63 11.01 24.16 13.35
C PRO C 63 12.39 24.51 13.89
N ASN C 64 12.43 24.96 15.15
CA ASN C 64 13.69 25.34 15.79
C ASN C 64 14.73 24.23 15.83
N THR C 65 14.34 23.05 16.28
CA THR C 65 15.28 21.94 16.36
C THR C 65 15.07 20.91 15.24
N LYS C 66 14.10 21.17 14.38
CA LYS C 66 13.78 20.28 13.26
C LYS C 66 13.51 18.86 13.77
N THR C 67 12.77 18.77 14.88
CA THR C 67 12.40 17.47 15.44
C THR C 67 10.88 17.45 15.56
N GLY C 68 10.30 16.26 15.66
CA GLY C 68 8.86 16.15 15.75
C GLY C 68 8.38 14.76 16.15
N ILE C 69 7.07 14.61 16.22
CA ILE C 69 6.45 13.34 16.59
C ILE C 69 5.42 12.98 15.53
N VAL C 70 5.47 11.74 15.05
CA VAL C 70 4.49 11.28 14.07
C VAL C 70 3.95 9.94 14.55
N ARG C 71 2.63 9.81 14.55
CA ARG C 71 1.96 8.62 15.03
C ARG C 71 1.71 7.64 13.89
N SER C 72 1.63 6.35 14.23
CA SER C 72 1.41 5.28 13.27
C SER C 72 0.73 4.09 13.93
N ASP C 73 0.03 3.29 13.15
CA ASP C 73 -0.61 2.11 13.72
C ASP C 73 0.54 1.30 14.30
N ARG C 74 0.32 0.73 15.49
CA ARG C 74 1.34 -0.06 16.17
C ARG C 74 1.95 -1.17 15.33
N GLU C 75 1.12 -1.91 14.59
CA GLU C 75 1.63 -3.01 13.79
C GLU C 75 2.35 -2.63 12.49
N TYR C 76 2.27 -1.37 12.08
CA TYR C 76 2.92 -0.99 10.83
C TYR C 76 3.96 0.14 10.91
N VAL C 77 4.59 0.30 12.07
CA VAL C 77 5.59 1.34 12.22
C VAL C 77 6.69 1.25 11.16
N GLU C 78 7.16 0.04 10.88
CA GLU C 78 8.22 -0.15 9.88
C GLU C 78 7.84 0.31 8.49
N TYR C 79 6.56 0.30 8.17
CA TYR C 79 6.14 0.75 6.85
C TYR C 79 6.18 2.26 6.76
N LEU C 80 5.84 2.94 7.85
CA LEU C 80 5.90 4.38 7.83
C LEU C 80 7.38 4.77 7.84
N ARG C 81 8.18 4.06 8.64
CA ARG C 81 9.61 4.33 8.71
C ARG C 81 10.18 4.29 7.29
N PHE C 82 9.76 3.28 6.53
CA PHE C 82 10.22 3.10 5.16
C PHE C 82 9.80 4.29 4.30
N ALA C 83 8.53 4.66 4.39
CA ALA C 83 8.02 5.78 3.61
C ALA C 83 8.81 7.04 3.94
N LEU C 84 9.08 7.26 5.22
CA LEU C 84 9.85 8.42 5.65
C LEU C 84 11.27 8.40 5.08
N MET C 85 11.87 7.21 5.05
CA MET C 85 13.23 7.05 4.57
C MET C 85 13.39 7.34 3.08
N LEU C 86 12.32 7.17 2.31
CA LEU C 86 12.39 7.42 0.89
C LEU C 86 12.26 8.88 0.50
N VAL C 87 12.09 9.76 1.49
CA VAL C 87 12.00 11.20 1.24
C VAL C 87 13.43 11.71 1.11
N SER C 88 13.71 12.54 0.10
CA SER C 88 15.06 13.05 -0.07
C SER C 88 15.11 14.55 -0.36
N GLU C 89 13.97 15.09 -0.78
CA GLU C 89 13.87 16.50 -1.12
C GLU C 89 12.42 16.92 -1.06
N PHE C 90 12.16 18.12 -0.54
CA PHE C 90 10.80 18.64 -0.47
C PHE C 90 10.86 20.15 -0.65
N ASN C 91 10.05 20.66 -1.58
CA ASN C 91 10.02 22.08 -1.86
C ASN C 91 11.41 22.60 -2.21
N GLY C 92 12.16 21.81 -2.97
CA GLY C 92 13.50 22.21 -3.39
C GLY C 92 14.62 22.16 -2.35
N LYS C 93 14.37 21.52 -1.23
CA LYS C 93 15.38 21.42 -0.17
C LYS C 93 15.70 19.96 0.14
N ARG C 94 16.97 19.58 -0.03
CA ARG C 94 17.38 18.21 0.27
C ARG C 94 17.25 17.97 1.76
N LEU C 95 16.88 16.76 2.14
CA LEU C 95 16.74 16.46 3.56
C LEU C 95 16.83 14.97 3.81
N ILE C 96 17.13 14.62 5.05
CA ILE C 96 17.19 13.23 5.48
C ILE C 96 16.35 13.16 6.74
N ILE C 97 15.41 12.23 6.78
CA ILE C 97 14.63 12.07 7.99
C ILE C 97 15.28 10.94 8.76
N ARG C 98 15.44 11.16 10.06
CA ARG C 98 16.05 10.17 10.93
C ARG C 98 15.10 9.92 12.08
N THR C 99 14.73 8.66 12.32
CA THR C 99 13.84 8.37 13.41
C THR C 99 14.74 8.19 14.64
N LEU C 100 14.36 8.86 15.73
CA LEU C 100 15.12 8.83 16.97
C LEU C 100 14.74 7.67 17.88
N GLY C 101 13.46 7.31 17.85
CA GLY C 101 12.99 6.23 18.68
C GLY C 101 11.48 6.08 18.62
N VAL C 102 10.96 5.09 19.34
CA VAL C 102 9.53 4.84 19.35
C VAL C 102 9.01 4.58 20.76
N SER C 103 7.74 4.92 20.97
CA SER C 103 7.09 4.70 22.25
C SER C 103 5.59 4.58 22.07
N GLY C 104 4.95 3.93 23.03
CA GLY C 104 3.51 3.75 22.99
C GLY C 104 2.77 5.00 23.44
N THR C 105 3.50 5.97 23.99
CA THR C 105 2.84 7.20 24.42
C THR C 105 3.70 8.42 24.11
N ILE C 106 3.05 9.57 23.92
CA ILE C 106 3.74 10.81 23.63
C ILE C 106 4.60 11.25 24.82
N LYS C 107 4.04 11.14 26.01
CA LYS C 107 4.74 11.50 27.24
C LYS C 107 6.07 10.75 27.33
N ARG C 108 6.00 9.43 27.22
CA ARG C 108 7.19 8.59 27.31
C ARG C 108 8.15 8.83 26.15
N LEU C 109 7.59 9.12 24.97
CA LEU C 109 8.43 9.40 23.80
C LEU C 109 9.30 10.63 24.07
N LYS C 110 8.67 11.72 24.48
CA LYS C 110 9.40 12.95 24.77
C LYS C 110 10.44 12.77 25.87
N ARG C 111 10.02 12.21 27.00
CA ARG C 111 10.93 12.01 28.11
C ARG C 111 12.18 11.25 27.69
N LYS C 112 12.01 10.31 26.77
CA LYS C 112 13.10 9.47 26.30
C LYS C 112 13.95 9.99 25.14
N PHE C 113 13.35 10.65 24.15
CA PHE C 113 14.15 11.09 23.01
C PHE C 113 14.10 12.56 22.63
N LEU C 114 13.12 13.30 23.15
CA LEU C 114 13.00 14.70 22.76
C LEU C 114 13.32 15.68 23.88
N ALA C 115 13.46 15.17 25.11
CA ALA C 115 13.81 16.04 26.24
C ALA C 115 15.13 16.74 25.96
N LYS C 116 16.06 16.01 25.36
CA LYS C 116 17.38 16.58 25.07
C LYS C 116 17.28 17.74 24.08
N TYR C 117 16.15 17.84 23.39
CA TYR C 117 15.94 18.92 22.42
C TYR C 117 15.09 20.03 23.02
N GLY C 118 14.85 19.95 24.33
CA GLY C 118 14.07 20.98 25.01
C GLY C 118 12.56 20.80 25.05
N TRP C 119 12.07 19.64 24.64
CA TRP C 119 10.63 19.40 24.63
C TRP C 119 10.02 19.25 26.02
N LYS C 120 8.87 19.91 26.20
CA LYS C 120 8.11 19.89 27.45
C LYS C 120 8.86 20.49 28.62
N MET D 2 20.07 -13.96 -23.96
CA MET D 2 21.15 -14.54 -23.12
C MET D 2 20.60 -15.66 -22.22
N ARG D 3 21.39 -16.07 -21.24
CA ARG D 3 20.98 -17.14 -20.34
C ARG D 3 20.08 -16.63 -19.21
N LYS D 4 18.78 -16.59 -19.47
CA LYS D 4 17.83 -16.14 -18.48
C LYS D 4 17.90 -17.04 -17.25
N LEU D 5 17.52 -16.52 -16.09
CA LEU D 5 17.55 -17.30 -14.86
C LEU D 5 16.70 -18.55 -15.01
N LYS D 6 16.81 -19.46 -14.05
CA LYS D 6 16.06 -20.71 -14.08
C LYS D 6 14.79 -20.52 -13.25
N THR D 7 13.69 -21.14 -13.69
CA THR D 7 12.40 -21.03 -13.00
C THR D 7 12.49 -20.73 -11.51
N LEU D 8 12.40 -21.76 -10.68
CA LEU D 8 12.46 -21.59 -9.22
C LEU D 8 11.70 -22.72 -8.54
N PRO D 9 12.26 -23.28 -7.46
CA PRO D 9 11.63 -24.37 -6.71
C PRO D 9 10.14 -24.13 -6.45
N PRO D 10 9.33 -25.20 -6.48
CA PRO D 10 7.88 -25.13 -6.26
C PRO D 10 7.45 -24.66 -4.88
N THR D 11 8.34 -23.95 -4.19
CA THR D 11 8.05 -23.42 -2.86
C THR D 11 8.48 -21.97 -2.76
N LEU D 12 9.37 -21.57 -3.66
CA LEU D 12 9.86 -20.19 -3.70
C LEU D 12 9.21 -19.46 -4.88
N ARG D 13 8.89 -20.22 -5.92
CA ARG D 13 8.24 -19.70 -7.12
C ARG D 13 7.02 -18.86 -6.71
N ASP D 14 6.76 -17.76 -7.41
CA ASP D 14 5.60 -16.94 -7.05
C ASP D 14 4.32 -17.72 -7.30
N LYS D 15 3.38 -17.62 -6.35
CA LYS D 15 2.09 -18.29 -6.46
C LYS D 15 1.13 -17.26 -7.05
N ASN D 16 0.43 -17.66 -8.09
CA ASN D 16 -0.48 -16.74 -8.78
C ASN D 16 -1.94 -17.19 -8.88
N ARG D 17 -2.79 -16.22 -9.17
CA ARG D 17 -4.19 -16.45 -9.43
C ARG D 17 -4.47 -15.56 -10.61
N TYR D 18 -5.44 -15.94 -11.43
CA TYR D 18 -5.75 -15.16 -12.60
C TYR D 18 -7.17 -14.66 -12.55
N ILE D 19 -7.32 -13.41 -12.94
CA ILE D 19 -8.61 -12.73 -12.93
C ILE D 19 -9.05 -12.48 -14.37
N ALA D 20 -10.29 -12.84 -14.66
CA ALA D 20 -10.87 -12.63 -15.98
C ALA D 20 -11.74 -11.40 -15.78
N PHE D 21 -11.61 -10.41 -16.67
CA PHE D 21 -12.39 -9.20 -16.53
C PHE D 21 -12.94 -8.71 -17.85
N GLU D 22 -13.89 -7.78 -17.76
CA GLU D 22 -14.52 -7.17 -18.92
C GLU D 22 -14.57 -5.68 -18.66
N ILE D 23 -14.33 -4.89 -19.69
CA ILE D 23 -14.41 -3.44 -19.57
C ILE D 23 -15.69 -2.98 -20.25
N ILE D 24 -16.50 -2.26 -19.50
CA ILE D 24 -17.76 -1.74 -20.01
C ILE D 24 -17.50 -0.29 -20.33
N SER D 25 -17.70 0.10 -21.57
CA SER D 25 -17.46 1.48 -21.96
C SER D 25 -18.00 1.78 -23.35
N ASP D 26 -18.07 3.07 -23.68
CA ASP D 26 -18.54 3.49 -24.99
C ASP D 26 -17.32 3.55 -25.91
N GLY D 27 -16.20 4.01 -25.38
CA GLY D 27 -14.99 4.11 -26.18
C GLY D 27 -14.19 2.83 -26.17
N ASP D 28 -13.38 2.61 -27.20
CA ASP D 28 -12.54 1.43 -27.29
C ASP D 28 -11.26 1.65 -26.49
N PHE D 29 -10.56 0.56 -26.24
CA PHE D 29 -9.29 0.60 -25.54
C PHE D 29 -8.34 -0.36 -26.24
N THR D 30 -7.06 -0.02 -26.25
CA THR D 30 -6.04 -0.86 -26.85
C THR D 30 -5.38 -1.65 -25.73
N LYS D 31 -4.67 -2.72 -26.09
CA LYS D 31 -3.99 -3.55 -25.11
C LYS D 31 -3.07 -2.69 -24.24
N ASP D 32 -2.37 -1.74 -24.86
CA ASP D 32 -1.45 -0.88 -24.12
C ASP D 32 -2.14 0.04 -23.12
N GLU D 33 -3.31 0.57 -23.49
CA GLU D 33 -4.03 1.45 -22.56
C GLU D 33 -4.45 0.66 -21.33
N VAL D 34 -4.91 -0.58 -21.54
CA VAL D 34 -5.34 -1.42 -20.42
C VAL D 34 -4.14 -1.74 -19.51
N LYS D 35 -2.99 -2.02 -20.11
CA LYS D 35 -1.81 -2.31 -19.30
C LYS D 35 -1.47 -1.07 -18.47
N GLU D 36 -1.56 0.10 -19.11
CA GLU D 36 -1.25 1.35 -18.43
C GLU D 36 -2.24 1.74 -17.32
N LEU D 37 -3.53 1.60 -17.58
CA LEU D 37 -4.53 1.97 -16.57
C LEU D 37 -4.48 1.04 -15.36
N ILE D 38 -4.13 -0.23 -15.57
CA ILE D 38 -4.01 -1.17 -14.45
C ILE D 38 -2.79 -0.81 -13.58
N TRP D 39 -1.66 -0.48 -14.21
CA TRP D 39 -0.47 -0.10 -13.44
C TRP D 39 -0.76 1.19 -12.67
N LYS D 40 -1.44 2.12 -13.34
CA LYS D 40 -1.78 3.42 -12.76
C LYS D 40 -2.67 3.31 -11.54
N SER D 41 -3.72 2.50 -11.63
CA SER D 41 -4.61 2.35 -10.49
C SER D 41 -3.89 1.64 -9.36
N SER D 42 -3.08 0.63 -9.69
CA SER D 42 -2.37 -0.10 -8.66
C SER D 42 -1.43 0.80 -7.87
N LEU D 43 -0.67 1.62 -8.57
CA LEU D 43 0.27 2.53 -7.95
C LEU D 43 -0.42 3.55 -7.03
N GLU D 44 -1.61 4.00 -7.42
CA GLU D 44 -2.34 4.98 -6.62
C GLU D 44 -3.02 4.32 -5.42
N VAL D 45 -3.77 3.26 -5.69
CA VAL D 45 -4.52 2.53 -4.67
C VAL D 45 -3.70 1.68 -3.72
N LEU D 46 -2.70 0.98 -4.26
CA LEU D 46 -1.87 0.07 -3.49
C LEU D 46 -0.47 0.64 -3.20
N GLY D 47 -0.10 1.69 -3.92
CA GLY D 47 1.19 2.31 -3.71
C GLY D 47 2.31 1.51 -4.32
N GLU D 48 3.53 2.02 -4.24
CA GLU D 48 4.66 1.31 -4.80
C GLU D 48 4.87 -0.02 -4.06
N THR D 49 4.73 0.02 -2.74
CA THR D 49 4.92 -1.20 -1.94
C THR D 49 3.82 -2.23 -2.18
N GLY D 50 2.57 -1.77 -2.11
CA GLY D 50 1.45 -2.67 -2.34
C GLY D 50 1.49 -3.24 -3.75
N THR D 51 1.99 -2.46 -4.70
CA THR D 51 2.06 -2.95 -6.08
C THR D 51 3.10 -4.08 -6.19
N ALA D 52 4.19 -3.96 -5.42
CA ALA D 52 5.26 -4.96 -5.43
C ALA D 52 4.80 -6.25 -4.74
N ILE D 53 3.85 -6.12 -3.83
CA ILE D 53 3.27 -7.26 -3.10
C ILE D 53 2.21 -7.96 -3.96
N VAL D 54 1.27 -7.20 -4.49
CA VAL D 54 0.19 -7.76 -5.31
C VAL D 54 0.66 -8.25 -6.68
N LYS D 55 1.66 -7.57 -7.22
CA LYS D 55 2.26 -7.91 -8.51
C LYS D 55 1.28 -8.02 -9.69
N PRO D 56 0.46 -6.98 -9.89
CA PRO D 56 -0.52 -6.95 -10.99
C PRO D 56 0.22 -7.18 -12.31
N TRP D 57 -0.31 -8.05 -13.17
CA TRP D 57 0.33 -8.30 -14.46
C TRP D 57 -0.68 -8.71 -15.54
N LEU D 58 -0.86 -7.84 -16.51
CA LEU D 58 -1.79 -8.10 -17.60
C LEU D 58 -1.27 -9.20 -18.51
N ILE D 59 -1.99 -10.31 -18.55
CA ILE D 59 -1.63 -11.47 -19.37
C ILE D 59 -2.07 -11.25 -20.82
N LYS D 60 -3.30 -10.81 -20.99
CA LYS D 60 -3.81 -10.55 -22.33
C LYS D 60 -5.10 -9.74 -22.29
N PHE D 61 -5.30 -8.92 -23.31
CA PHE D 61 -6.51 -8.13 -23.43
C PHE D 61 -7.00 -8.26 -24.87
N ASP D 62 -8.28 -8.57 -25.02
CA ASP D 62 -8.90 -8.69 -26.35
C ASP D 62 -9.70 -7.42 -26.64
N PRO D 63 -9.17 -6.53 -27.48
CA PRO D 63 -9.91 -5.30 -27.79
C PRO D 63 -11.30 -5.51 -28.36
N ASN D 64 -11.51 -6.59 -29.11
CA ASN D 64 -12.81 -6.85 -29.73
C ASN D 64 -13.96 -6.95 -28.73
N THR D 65 -13.81 -7.84 -27.74
CA THR D 65 -14.84 -8.02 -26.72
C THR D 65 -14.57 -7.24 -25.44
N LYS D 66 -13.43 -6.57 -25.39
CA LYS D 66 -13.03 -5.81 -24.23
C LYS D 66 -12.94 -6.71 -22.99
N THR D 67 -12.38 -7.90 -23.16
CA THR D 67 -12.21 -8.82 -22.05
C THR D 67 -10.72 -9.11 -21.93
N GLY D 68 -10.28 -9.55 -20.76
CA GLY D 68 -8.87 -9.82 -20.61
C GLY D 68 -8.55 -10.63 -19.37
N ILE D 69 -7.26 -10.91 -19.21
CA ILE D 69 -6.77 -11.68 -18.08
C ILE D 69 -5.68 -10.91 -17.37
N VAL D 70 -5.84 -10.71 -16.07
CA VAL D 70 -4.80 -10.04 -15.31
C VAL D 70 -4.41 -10.95 -14.16
N ARG D 71 -3.11 -11.09 -13.96
CA ARG D 71 -2.54 -11.95 -12.91
C ARG D 71 -2.22 -11.17 -11.63
N SER D 72 -2.27 -11.86 -10.50
CA SER D 72 -1.94 -11.22 -9.23
C SER D 72 -1.36 -12.25 -8.28
N ASP D 73 -0.67 -11.78 -7.24
CA ASP D 73 -0.13 -12.71 -6.25
C ASP D 73 -1.37 -13.47 -5.80
N ARG D 74 -1.22 -14.78 -5.60
CA ARG D 74 -2.32 -15.65 -5.19
C ARG D 74 -3.12 -15.16 -3.99
N GLU D 75 -2.44 -14.62 -2.98
CA GLU D 75 -3.10 -14.20 -1.75
C GLU D 75 -3.68 -12.79 -1.66
N TYR D 76 -3.56 -11.99 -2.72
CA TYR D 76 -4.05 -10.62 -2.68
C TYR D 76 -5.02 -10.26 -3.81
N VAL D 77 -5.71 -11.27 -4.33
CA VAL D 77 -6.67 -11.05 -5.39
C VAL D 77 -7.69 -9.95 -5.06
N GLU D 78 -8.17 -9.89 -3.83
CA GLU D 78 -9.18 -8.87 -3.50
C GLU D 78 -8.66 -7.45 -3.55
N TYR D 79 -7.35 -7.30 -3.33
CA TYR D 79 -6.76 -5.97 -3.40
C TYR D 79 -6.64 -5.54 -4.85
N LEU D 80 -6.35 -6.47 -5.75
CA LEU D 80 -6.27 -6.09 -7.15
C LEU D 80 -7.70 -5.83 -7.65
N ARG D 81 -8.65 -6.63 -7.19
CA ARG D 81 -10.04 -6.43 -7.61
C ARG D 81 -10.51 -5.04 -7.16
N PHE D 82 -10.02 -4.61 -5.99
CA PHE D 82 -10.37 -3.30 -5.42
C PHE D 82 -9.79 -2.18 -6.28
N ALA D 83 -8.51 -2.30 -6.63
CA ALA D 83 -7.85 -1.29 -7.46
C ALA D 83 -8.55 -1.17 -8.83
N LEU D 84 -8.97 -2.30 -9.38
CA LEU D 84 -9.65 -2.30 -10.68
C LEU D 84 -11.02 -1.64 -10.58
N MET D 85 -11.71 -1.92 -9.47
CA MET D 85 -13.05 -1.36 -9.22
C MET D 85 -13.03 0.16 -9.09
N LEU D 86 -11.94 0.71 -8.54
CA LEU D 86 -11.85 2.16 -8.37
C LEU D 86 -11.57 2.93 -9.66
N VAL D 87 -11.33 2.21 -10.75
CA VAL D 87 -11.09 2.89 -12.02
C VAL D 87 -12.41 3.43 -12.56
N SER D 88 -12.41 4.70 -12.98
CA SER D 88 -13.63 5.32 -13.51
C SER D 88 -13.42 5.86 -14.93
N GLU D 89 -12.18 6.18 -15.29
CA GLU D 89 -11.90 6.65 -16.63
C GLU D 89 -10.42 6.66 -17.00
N PHE D 90 -10.15 6.55 -18.29
CA PHE D 90 -8.78 6.56 -18.77
C PHE D 90 -8.75 7.20 -20.15
N ASN D 91 -7.81 8.13 -20.33
CA ASN D 91 -7.69 8.84 -21.59
C ASN D 91 -9.01 9.45 -22.06
N GLY D 92 -9.74 10.04 -21.13
CA GLY D 92 -11.01 10.69 -21.47
C GLY D 92 -12.19 9.77 -21.72
N LYS D 93 -12.01 8.47 -21.55
CA LYS D 93 -13.08 7.53 -21.77
C LYS D 93 -13.54 6.90 -20.46
N ARG D 94 -14.82 7.05 -20.14
CA ARG D 94 -15.36 6.49 -18.91
C ARG D 94 -15.46 4.99 -19.06
N LEU D 95 -15.34 4.27 -17.95
CA LEU D 95 -15.44 2.83 -18.02
C LEU D 95 -15.74 2.18 -16.68
N ILE D 96 -16.15 0.93 -16.75
CA ILE D 96 -16.40 0.15 -15.55
C ILE D 96 -15.68 -1.17 -15.81
N ILE D 97 -14.82 -1.56 -14.88
CA ILE D 97 -14.15 -2.83 -15.02
C ILE D 97 -14.95 -3.78 -14.14
N ARG D 98 -15.30 -4.92 -14.71
CA ARG D 98 -16.07 -5.91 -13.98
C ARG D 98 -15.30 -7.23 -13.99
N THR D 99 -15.13 -7.82 -12.82
CA THR D 99 -14.43 -9.11 -12.73
C THR D 99 -15.40 -10.24 -13.01
N LEU D 100 -15.06 -11.11 -13.95
CA LEU D 100 -15.93 -12.24 -14.31
C LEU D 100 -15.66 -13.48 -13.47
N GLY D 101 -14.41 -13.71 -13.09
CA GLY D 101 -14.09 -14.87 -12.28
C GLY D 101 -12.62 -14.98 -11.95
N VAL D 102 -12.26 -15.95 -11.12
CA VAL D 102 -10.88 -16.14 -10.71
C VAL D 102 -10.49 -17.61 -10.74
N SER D 103 -9.24 -17.89 -11.10
CA SER D 103 -8.78 -19.27 -11.18
C SER D 103 -7.31 -19.40 -10.83
N GLY D 104 -6.90 -20.64 -10.55
CA GLY D 104 -5.51 -20.91 -10.25
C GLY D 104 -4.66 -20.99 -11.51
N THR D 105 -5.28 -21.26 -12.65
CA THR D 105 -4.55 -21.35 -13.91
C THR D 105 -5.25 -20.60 -15.05
N ILE D 106 -4.47 -20.25 -16.07
CA ILE D 106 -5.01 -19.54 -17.22
C ILE D 106 -5.96 -20.44 -18.01
N LYS D 107 -5.58 -21.70 -18.19
CA LYS D 107 -6.41 -22.66 -18.93
C LYS D 107 -7.79 -22.83 -18.29
N ARG D 108 -7.84 -22.98 -16.97
CA ARG D 108 -9.13 -23.13 -16.29
C ARG D 108 -9.93 -21.84 -16.37
N LEU D 109 -9.27 -20.71 -16.18
CA LEU D 109 -9.96 -19.41 -16.23
C LEU D 109 -10.66 -19.26 -17.59
N LYS D 110 -9.92 -19.51 -18.66
CA LYS D 110 -10.46 -19.37 -20.01
C LYS D 110 -11.67 -20.27 -20.21
N ARG D 111 -11.49 -21.55 -19.88
CA ARG D 111 -12.55 -22.52 -20.04
C ARG D 111 -13.87 -22.11 -19.37
N LYS D 112 -13.83 -21.65 -18.14
CA LYS D 112 -15.10 -21.31 -17.50
C LYS D 112 -15.59 -19.87 -17.58
N PHE D 113 -14.72 -18.92 -17.92
CA PHE D 113 -15.17 -17.54 -17.97
C PHE D 113 -14.98 -16.81 -19.30
N LEU D 114 -14.04 -17.25 -20.12
CA LEU D 114 -13.78 -16.56 -21.39
C LEU D 114 -14.11 -17.32 -22.67
N ALA D 115 -14.32 -18.63 -22.60
CA ALA D 115 -14.65 -19.38 -23.82
C ALA D 115 -15.87 -18.70 -24.45
N LYS D 116 -16.79 -18.31 -23.59
CA LYS D 116 -18.02 -17.62 -23.96
C LYS D 116 -17.73 -16.40 -24.82
N TYR D 117 -16.62 -15.73 -24.55
CA TYR D 117 -16.24 -14.55 -25.31
C TYR D 117 -15.35 -14.90 -26.49
N GLY D 118 -15.33 -16.19 -26.83
CA GLY D 118 -14.56 -16.66 -27.97
C GLY D 118 -13.06 -16.74 -27.78
N TRP D 119 -12.61 -16.88 -26.53
CA TRP D 119 -11.17 -16.96 -26.29
C TRP D 119 -10.56 -18.24 -26.82
N LYS D 120 -10.95 -19.37 -26.24
CA LYS D 120 -10.41 -20.66 -26.67
C LYS D 120 -8.89 -20.59 -26.84
C1 BOG E . 4.38 -9.75 3.26
O1 BOG E . 3.51 -8.65 2.92
C2 BOG E . 5.63 -9.74 2.34
O2 BOG E . 5.22 -9.83 0.97
C3 BOG E . 6.57 -10.92 2.72
O3 BOG E . 7.71 -10.93 1.88
C4 BOG E . 6.99 -10.78 4.21
O4 BOG E . 7.86 -11.84 4.59
C5 BOG E . 5.71 -10.76 5.12
O5 BOG E . 4.83 -9.67 4.69
C6 BOG E . 6.10 -10.58 6.60
O6 BOG E . 5.25 -11.35 7.47
C1' BOG E . 2.33 -8.57 3.72
C2' BOG E . 2.43 -7.38 4.64
C3' BOG E . 1.56 -6.28 4.13
C4' BOG E . 1.61 -5.06 5.02
C5' BOG E . 0.71 -3.95 4.49
C6' BOG E . 1.52 -2.76 4.04
C7' BOG E . 0.65 -1.66 3.52
C8' BOG E . 1.49 -0.49 3.08
C ACY F . 23.70 0.94 -7.16
O ACY F . 23.46 1.93 -6.17
OXT ACY F . 23.99 1.20 -8.31
CH3 ACY F . 23.59 -0.50 -6.67
C ACY G . 12.95 -3.28 17.40
O ACY G . 14.13 -2.53 17.10
OXT ACY G . 12.98 -4.44 17.79
CH3 ACY G . 11.64 -2.54 17.22
C ACY H . 24.49 18.84 6.88
O ACY H . 24.20 18.98 8.27
OXT ACY H . 23.70 19.17 6.00
CH3 ACY H . 25.85 18.24 6.57
C ACY I . 3.57 12.57 -10.00
O ACY I . 2.94 11.34 -9.63
OXT ACY I . 4.45 12.63 -10.87
CH3 ACY I . 3.09 13.80 -9.26
C ACY J . -22.75 9.00 -1.01
O ACY J . -22.83 10.40 -0.73
OXT ACY J . -22.34 8.56 -2.08
CH3 ACY J . -23.21 8.09 0.11
C ACY K . -35.25 8.81 -10.08
O ACY K . -36.21 8.33 -11.02
OXT ACY K . -34.18 8.27 -9.91
CH3 ACY K . -35.65 10.04 -9.30
C ACY L . -27.71 10.95 -15.26
O ACY L . -28.87 11.52 -14.66
OXT ACY L . -27.62 9.76 -15.52
CH3 ACY L . -26.59 11.92 -15.58
C ACY M . -9.27 -13.21 1.52
O ACY M . -9.85 -14.38 2.09
OXT ACY M . -8.98 -13.11 0.34
CH3 ACY M . -9.04 -12.06 2.49
C ACY N . 0.74 10.34 26.25
O ACY N . 1.17 11.69 26.17
OXT ACY N . 0.93 9.63 27.23
CH3 ACY N . 0.00 9.81 25.03
C ACY O . 22.38 26.93 4.12
O ACY O . 23.22 25.93 4.70
OXT ACY O . 22.20 28.02 4.65
CH3 ACY O . 21.74 26.58 2.79
C ACY P . 21.42 24.48 9.14
O ACY P . 21.82 25.51 8.24
OXT ACY P . 21.82 23.32 9.04
CH3 ACY P . 20.47 24.91 10.25
C ACY Q . 18.56 28.31 5.27
O ACY Q . 19.27 29.06 6.26
OXT ACY Q . 17.91 27.30 5.55
CH3 ACY Q . 18.65 28.84 3.85
C ACY R . 21.12 20.03 10.04
O ACY R . 19.74 20.38 10.15
OXT ACY R . 21.54 19.34 9.12
CH3 ACY R . 22.04 20.58 11.11
C ACY S . 7.54 18.16 -3.35
O ACY S . 8.71 18.97 -3.38
OXT ACY S . 6.41 18.64 -3.34
CH3 ACY S . 7.77 16.67 -3.34
C ACY T . 22.38 19.70 -2.35
O ACY T . 21.79 18.57 -2.99
OXT ACY T . 23.57 19.78 -2.09
CH3 ACY T . 21.42 20.82 -2.00
C ACY U . 0.43 10.23 -5.15
O ACY U . 1.31 9.14 -4.90
OXT ACY U . 0.75 11.21 -5.81
CH3 ACY U . -0.95 10.10 -4.54
C1 BOG V . -5.17 -6.76 7.16
O1 BOG V . -4.61 -6.19 5.98
C2 BOG V . -6.56 -6.13 7.43
O2 BOG V . -6.44 -4.72 7.55
C3 BOG V . -7.18 -6.75 8.71
O3 BOG V . -8.46 -6.20 8.97
C4 BOG V . -7.29 -8.29 8.52
O4 BOG V . -7.86 -8.90 9.68
C5 BOG V . -5.87 -8.89 8.23
O5 BOG V . -5.30 -8.24 7.04
C6 BOG V . -5.96 -10.41 8.01
O6 BOG V . -4.86 -11.10 8.60
C1' BOG V . -3.33 -6.70 5.64
C2' BOG V . -3.29 -6.92 4.16
C3' BOG V . -2.40 -5.89 3.53
C4' BOG V . -2.31 -6.03 2.03
C5' BOG V . -1.38 -4.98 1.45
C6' BOG V . -2.16 -3.77 0.95
C7' BOG V . -1.24 -2.74 0.37
C8' BOG V . -2.03 -1.55 -0.12
#